data_1XR4
#
_entry.id   1XR4
#
_cell.length_a   58.374
_cell.length_b   116.701
_cell.length_c   189.694
_cell.angle_alpha   90.00
_cell.angle_beta   90.00
_cell.angle_gamma   90.00
#
_symmetry.space_group_name_H-M   'P 21 21 21'
#
loop_
_entity.id
_entity.type
_entity.pdbx_description
1 polymer 'putative citrate lyase alpha chain/citrate-ACP transferase'
2 water water
#
_entity_poly.entity_id   1
_entity_poly.type   'polypeptide(L)'
_entity_poly.pdbx_seq_one_letter_code
;SNA(MSE)KETVT(MSE)LNQQYVVPEGLQPYQGVTANSPWLASETEKRRRKICDSLEEAIRRSGLKNG(MSE)TISFHH
AFRGGDKVVN(MSE)V(MSE)AKLAE(MSE)GFRDLTLASSSLIDAHWPLIEHIKNGVVRQIYTSGLRGKLGEEISAGL
(MSE)ENPVQIHSHGGRVKLIQSGELNIDVAFLGVPCCDEFGNANGFSGKSRCGSLGYAQVDAQYAKCVVLLTEEWVEFP
NYPASIAQDQVDLIVQVDEVGDPEKITAGAIRLSSNPRELLIARQAANVIEHSGYFCDGFSLQTGTGGASLAVTRFLEDK
(MSE)RRHNITASFGLGGITGT(MSE)VDLHEKGLIKALLDTQSFDGDAARSLAQNPHHIEISTNQYANPASKGAACERL
NVV(MSE)LSALEIDVNFNVNV(MSE)TGSNGVLRGASGGHSDTAAGADLTIITAPLVRGRIPCVVEKVLTTVTPGASVD
VLVTDHGIAVNPARQDLLDNLRAAGVAL(MSE)TIEQLQQRAEQLTGKPQPIEFTDRVVAVVRYRDGSVIDVIRQVKG
;
_entity_poly.pdbx_strand_id   A,B
#
# COMPACT_ATOMS: atom_id res chain seq x y z
N ALA A 3 7.88 -32.62 21.21
CA ALA A 3 7.39 -33.61 20.20
C ALA A 3 8.27 -33.63 18.94
N MSE A 4 8.68 -32.45 18.48
CA MSE A 4 9.34 -32.28 17.18
C MSE A 4 10.84 -31.99 17.29
O MSE A 4 11.54 -31.90 16.29
CB MSE A 4 8.64 -31.15 16.42
CG MSE A 4 9.03 -31.04 14.95
SE MSE A 4 8.20 -32.46 13.89
CE MSE A 4 9.28 -32.30 12.28
N LYS A 5 11.32 -31.86 18.54
CA LYS A 5 12.68 -31.39 18.82
C LYS A 5 13.80 -32.14 18.07
N GLU A 6 13.73 -33.47 18.06
CA GLU A 6 14.82 -34.28 17.51
C GLU A 6 14.92 -34.26 16.00
N THR A 7 13.77 -34.17 15.33
CA THR A 7 13.75 -34.22 13.88
C THR A 7 14.20 -32.89 13.21
N VAL A 8 14.13 -31.79 13.96
CA VAL A 8 14.65 -30.49 13.51
C VAL A 8 16.18 -30.48 13.59
N THR A 9 16.72 -30.98 14.70
CA THR A 9 18.16 -31.23 14.85
C THR A 9 18.69 -32.00 13.64
N MSE A 10 18.01 -33.11 13.32
CA MSE A 10 18.40 -34.00 12.24
C MSE A 10 18.38 -33.28 10.89
O MSE A 10 19.32 -33.40 10.11
CB MSE A 10 17.51 -35.23 12.23
CG MSE A 10 17.73 -36.16 11.04
SE MSE A 10 16.03 -36.65 10.14
CE MSE A 10 15.71 -38.51 11.01
N LEU A 11 17.30 -32.54 10.62
CA LEU A 11 17.17 -31.72 9.42
C LEU A 11 18.35 -30.79 9.21
N ASN A 12 18.71 -30.09 10.28
CA ASN A 12 19.85 -29.17 10.31
C ASN A 12 21.18 -29.87 9.98
N GLN A 13 21.29 -31.13 10.37
CA GLN A 13 22.50 -31.89 10.20
C GLN A 13 22.61 -32.62 8.86
N GLN A 14 21.49 -33.12 8.33
CA GLN A 14 21.52 -33.96 7.11
C GLN A 14 21.01 -33.33 5.81
N TYR A 15 20.33 -32.19 5.89
CA TYR A 15 19.75 -31.54 4.70
C TYR A 15 20.18 -30.08 4.59
N VAL A 16 20.13 -29.54 3.38
CA VAL A 16 20.31 -28.09 3.14
C VAL A 16 18.98 -27.41 3.45
N VAL A 17 18.95 -26.65 4.54
CA VAL A 17 17.71 -26.07 5.08
C VAL A 17 17.96 -24.61 5.52
N PRO A 18 16.88 -23.80 5.67
CA PRO A 18 17.02 -22.44 6.19
C PRO A 18 17.52 -22.44 7.63
N GLU A 19 18.40 -21.49 7.95
CA GLU A 19 18.93 -21.34 9.32
C GLU A 19 17.83 -21.02 10.31
N GLY A 20 18.00 -21.50 11.54
CA GLY A 20 17.12 -21.16 12.65
C GLY A 20 15.73 -21.79 12.70
N LEU A 21 15.60 -23.00 12.13
CA LEU A 21 14.34 -23.74 12.25
C LEU A 21 14.12 -24.20 13.69
N GLN A 22 12.95 -23.87 14.24
CA GLN A 22 12.55 -24.29 15.57
C GLN A 22 11.28 -25.11 15.46
N PRO A 23 11.06 -26.06 16.39
CA PRO A 23 9.87 -26.90 16.31
C PRO A 23 8.64 -26.17 16.78
N TYR A 24 7.49 -26.54 16.23
CA TYR A 24 6.18 -26.02 16.64
C TYR A 24 5.94 -26.13 18.15
N GLN A 25 5.27 -25.14 18.75
CA GLN A 25 4.92 -25.20 20.18
C GLN A 25 3.59 -24.52 20.55
N GLY A 26 2.58 -24.63 19.71
CA GLY A 26 1.28 -24.06 20.04
C GLY A 26 0.87 -22.93 19.12
N VAL A 27 -0.44 -22.77 19.01
CA VAL A 27 -1.09 -21.78 18.14
C VAL A 27 -0.80 -20.34 18.58
N THR A 28 -0.66 -20.14 19.90
CA THR A 28 -0.50 -18.79 20.45
C THR A 28 0.94 -18.49 20.92
N ALA A 29 1.87 -19.42 20.71
CA ALA A 29 3.27 -19.20 21.14
C ALA A 29 3.86 -17.86 20.67
N ASN A 30 3.67 -17.51 19.40
CA ASN A 30 4.01 -16.19 18.83
C ASN A 30 2.80 -15.28 18.54
N SER A 31 1.59 -15.72 18.92
CA SER A 31 0.38 -14.91 18.82
C SER A 31 -0.54 -14.93 20.07
N PRO A 32 -0.01 -14.50 21.24
CA PRO A 32 -0.76 -14.66 22.49
C PRO A 32 -2.15 -14.03 22.47
N TRP A 33 -2.33 -12.95 21.73
CA TRP A 33 -3.62 -12.31 21.63
C TRP A 33 -4.69 -13.24 21.11
N LEU A 34 -4.30 -14.33 20.45
CA LEU A 34 -5.26 -15.34 19.91
C LEU A 34 -5.95 -16.17 20.99
N ALA A 35 -5.31 -16.25 22.16
CA ALA A 35 -5.82 -16.93 23.34
C ALA A 35 -7.11 -16.31 23.85
N SER A 36 -7.40 -15.09 23.40
CA SER A 36 -8.57 -14.33 23.85
C SER A 36 -9.32 -13.68 22.69
N GLU A 37 -10.65 -13.85 22.67
CA GLU A 37 -11.38 -13.44 21.48
C GLU A 37 -11.76 -11.95 21.46
N THR A 38 -11.56 -11.30 22.59
CA THR A 38 -11.67 -9.86 22.71
C THR A 38 -10.31 -9.24 22.38
N GLU A 39 -9.24 -9.73 22.98
CA GLU A 39 -7.90 -9.21 22.71
C GLU A 39 -7.57 -9.11 21.21
N LYS A 40 -7.84 -10.17 20.44
CA LYS A 40 -7.45 -10.20 19.03
C LYS A 40 -8.16 -9.19 18.11
N ARG A 41 -9.37 -8.78 18.52
CA ARG A 41 -10.13 -7.69 17.92
C ARG A 41 -9.79 -6.28 18.48
N ARG A 42 -9.56 -6.18 19.79
CA ARG A 42 -9.47 -4.86 20.45
C ARG A 42 -8.08 -4.44 20.96
N ARG A 43 -7.06 -5.28 20.77
CA ARG A 43 -5.70 -4.96 21.24
C ARG A 43 -5.16 -3.53 20.95
N LYS A 44 -5.55 -2.94 19.82
CA LYS A 44 -5.02 -1.61 19.39
C LYS A 44 -5.65 -0.40 20.09
N ILE A 45 -6.84 -0.57 20.65
CA ILE A 45 -7.55 0.54 21.28
C ILE A 45 -6.81 1.10 22.48
N CYS A 46 -6.77 2.44 22.55
CA CYS A 46 -6.22 3.16 23.67
C CYS A 46 -7.27 4.13 24.16
N ASP A 47 -7.51 4.10 25.46
CA ASP A 47 -8.55 4.93 26.08
C ASP A 47 -8.13 6.37 26.27
N SER A 48 -6.85 6.67 26.12
CA SER A 48 -6.38 8.03 26.25
C SER A 48 -5.14 8.21 25.41
N LEU A 49 -4.90 9.46 24.99
CA LEU A 49 -3.69 9.81 24.26
C LEU A 49 -2.44 9.44 25.04
N GLU A 50 -2.45 9.65 26.34
CA GLU A 50 -1.30 9.33 27.16
C GLU A 50 -0.96 7.84 27.16
N GLU A 51 -1.97 6.98 27.15
CA GLU A 51 -1.74 5.54 27.04
C GLU A 51 -1.08 5.16 25.71
N ALA A 52 -1.58 5.73 24.61
CA ALA A 52 -0.97 5.53 23.28
C ALA A 52 0.54 5.81 23.30
N ILE A 53 0.93 6.88 23.96
CA ILE A 53 2.33 7.33 23.95
C ILE A 53 3.21 6.36 24.70
N ARG A 54 2.74 5.90 25.86
CA ARG A 54 3.41 4.87 26.65
C ARG A 54 3.52 3.56 25.86
N ARG A 55 2.38 3.08 25.37
CA ARG A 55 2.33 1.86 24.56
C ARG A 55 3.22 1.93 23.32
N SER A 56 3.36 3.14 22.75
CA SER A 56 4.13 3.37 21.52
C SER A 56 5.63 3.15 21.69
N GLY A 57 6.10 3.10 22.95
CA GLY A 57 7.51 2.88 23.25
C GLY A 57 8.41 4.09 23.10
N LEU A 58 7.82 5.26 22.81
CA LEU A 58 8.55 6.51 22.59
C LEU A 58 9.48 6.80 23.77
N LYS A 59 10.68 7.30 23.46
CA LYS A 59 11.71 7.61 24.43
C LYS A 59 12.37 8.91 24.02
N ASN A 60 13.05 9.58 24.96
CA ASN A 60 13.84 10.76 24.64
C ASN A 60 14.81 10.48 23.51
N GLY A 61 15.00 11.47 22.64
CA GLY A 61 15.94 11.39 21.52
C GLY A 61 15.37 10.81 20.23
N MSE A 62 14.12 10.36 20.26
CA MSE A 62 13.51 9.73 19.11
C MSE A 62 12.87 10.72 18.14
O MSE A 62 12.71 11.91 18.47
CB MSE A 62 12.46 8.72 19.58
CG MSE A 62 13.05 7.46 20.16
SE MSE A 62 11.72 5.99 20.35
CE MSE A 62 13.06 4.42 20.78
N THR A 63 12.52 10.22 16.96
CA THR A 63 11.82 10.98 15.92
C THR A 63 10.34 10.64 15.89
N ILE A 64 9.50 11.67 15.87
CA ILE A 64 8.04 11.56 15.82
C ILE A 64 7.49 12.32 14.61
N SER A 65 6.29 11.97 14.12
CA SER A 65 5.72 12.64 12.95
C SER A 65 4.20 12.91 12.91
N PHE A 66 3.83 13.75 11.96
CA PHE A 66 2.49 14.28 11.78
C PHE A 66 2.35 14.56 10.29
N HIS A 67 1.11 14.64 9.83
CA HIS A 67 0.80 15.02 8.46
C HIS A 67 0.00 16.32 8.52
N HIS A 68 -0.01 17.05 7.42
CA HIS A 68 -0.59 18.38 7.47
C HIS A 68 -1.94 18.61 6.78
N ALA A 69 -2.71 17.54 6.49
CA ALA A 69 -3.99 17.68 5.74
C ALA A 69 -5.11 18.45 6.44
N PHE A 70 -4.88 18.80 7.70
CA PHE A 70 -5.87 19.57 8.43
C PHE A 70 -5.60 21.06 8.27
N ARG A 71 -4.50 21.33 7.58
CA ARG A 71 -4.18 22.65 7.14
C ARG A 71 -4.08 23.61 8.32
N GLY A 72 -4.57 24.83 8.15
CA GLY A 72 -4.55 25.82 9.22
C GLY A 72 -5.29 25.49 10.50
N GLY A 73 -6.24 24.56 10.46
CA GLY A 73 -7.02 24.17 11.64
C GLY A 73 -6.56 22.89 12.35
N ASP A 74 -5.34 22.42 12.04
CA ASP A 74 -4.77 21.24 12.68
C ASP A 74 -4.74 21.39 14.18
N LYS A 75 -5.07 20.30 14.86
CA LYS A 75 -5.13 20.27 16.32
C LYS A 75 -4.18 19.20 16.89
N VAL A 76 -3.69 18.33 16.03
CA VAL A 76 -2.94 17.13 16.42
C VAL A 76 -1.50 17.43 16.87
N VAL A 77 -0.78 18.27 16.12
CA VAL A 77 0.57 18.67 16.52
C VAL A 77 0.63 19.25 17.95
N ASN A 78 -0.22 20.25 18.22
CA ASN A 78 -0.21 20.95 19.50
C ASN A 78 -0.70 20.07 20.66
N MSE A 79 -1.77 19.33 20.41
CA MSE A 79 -2.35 18.40 21.37
C MSE A 79 -1.39 17.32 21.82
O MSE A 79 -1.37 16.96 22.98
CB MSE A 79 -3.54 17.75 20.70
CG MSE A 79 -4.53 17.06 21.60
SE MSE A 79 -5.42 15.66 20.50
CE MSE A 79 -6.20 16.81 18.99
N VAL A 80 -0.59 16.81 20.88
CA VAL A 80 0.37 15.75 21.16
C VAL A 80 1.62 16.32 21.80
N MSE A 81 2.07 17.47 21.29
CA MSE A 81 3.24 18.19 21.84
C MSE A 81 3.09 18.53 23.32
O MSE A 81 4.03 18.36 24.10
CB MSE A 81 3.47 19.50 21.07
CG MSE A 81 4.28 19.38 19.81
SE MSE A 81 5.74 18.05 19.88
CE MSE A 81 4.80 16.65 19.00
N ALA A 82 1.91 19.03 23.66
CA ALA A 82 1.54 19.38 25.03
C ALA A 82 1.69 18.16 25.95
N LYS A 83 1.20 17.00 25.52
CA LYS A 83 1.30 15.78 26.29
C LYS A 83 2.74 15.31 26.43
N LEU A 84 3.51 15.36 25.35
CA LEU A 84 4.90 14.95 25.43
C LEU A 84 5.71 15.87 26.35
N ALA A 85 5.33 17.16 26.38
CA ALA A 85 5.96 18.15 27.27
C ALA A 85 5.63 17.89 28.74
N GLU A 86 4.35 17.67 29.04
CA GLU A 86 3.85 17.27 30.37
C GLU A 86 4.38 15.94 30.89
N MSE A 87 4.71 15.02 29.98
CA MSE A 87 5.32 13.75 30.33
C MSE A 87 6.84 13.85 30.45
O MSE A 87 7.51 12.88 30.82
CB MSE A 87 4.94 12.69 29.31
CG MSE A 87 3.48 12.37 29.31
SE MSE A 87 2.91 11.21 27.85
CE MSE A 87 3.25 9.43 28.62
N GLY A 88 7.39 15.01 30.13
CA GLY A 88 8.82 15.29 30.27
C GLY A 88 9.75 14.74 29.20
N PHE A 89 9.25 14.56 27.98
CA PHE A 89 10.10 14.13 26.87
C PHE A 89 11.08 15.24 26.47
N ARG A 90 12.31 14.85 26.15
CA ARG A 90 13.37 15.78 25.80
C ARG A 90 14.02 15.33 24.50
N ASP A 91 14.60 16.28 23.77
CA ASP A 91 15.49 16.00 22.65
C ASP A 91 14.89 15.27 21.44
N LEU A 92 13.58 15.41 21.27
CA LEU A 92 12.87 14.73 20.18
C LEU A 92 13.21 15.36 18.83
N THR A 93 13.18 14.57 17.75
CA THR A 93 13.14 15.12 16.38
C THR A 93 11.67 15.21 15.90
N LEU A 94 11.30 16.36 15.38
CA LEU A 94 9.94 16.61 14.91
C LEU A 94 9.89 16.64 13.40
N ALA A 95 9.33 15.57 12.83
CA ALA A 95 9.21 15.44 11.39
C ALA A 95 7.74 15.49 10.99
N SER A 96 7.08 16.60 11.32
CA SER A 96 5.86 16.99 10.64
C SER A 96 6.17 17.25 9.18
N SER A 97 5.25 16.85 8.31
CA SER A 97 5.41 17.12 6.89
C SER A 97 5.36 18.63 6.63
N SER A 98 4.65 19.36 7.49
CA SER A 98 4.58 20.83 7.37
C SER A 98 4.06 21.51 8.63
N LEU A 99 4.58 22.71 8.89
CA LEU A 99 4.18 23.51 10.04
C LEU A 99 3.51 24.80 9.57
N ILE A 100 2.36 25.09 10.17
CA ILE A 100 1.53 26.27 9.93
C ILE A 100 1.71 27.25 11.11
N ASP A 101 1.05 28.40 11.06
CA ASP A 101 1.29 29.41 12.11
C ASP A 101 0.52 29.16 13.42
N ALA A 102 -0.55 28.39 13.34
CA ALA A 102 -1.20 27.85 14.54
C ALA A 102 -0.31 26.87 15.32
N HIS A 103 0.88 26.56 14.79
CA HIS A 103 1.89 25.78 15.54
C HIS A 103 2.88 26.66 16.31
N TRP A 104 2.50 27.91 16.59
CA TRP A 104 3.35 28.79 17.40
C TRP A 104 3.68 28.22 18.80
N PRO A 105 2.79 27.37 19.40
CA PRO A 105 3.15 26.79 20.71
C PRO A 105 4.41 25.95 20.68
N LEU A 106 4.89 25.59 19.49
CA LEU A 106 6.14 24.86 19.39
C LEU A 106 7.33 25.63 19.96
N ILE A 107 7.28 26.96 19.89
CA ILE A 107 8.36 27.85 20.37
C ILE A 107 8.74 27.56 21.83
N GLU A 108 7.73 27.51 22.71
CA GLU A 108 7.94 27.19 24.11
C GLU A 108 8.49 25.78 24.31
N HIS A 109 7.99 24.81 23.51
CA HIS A 109 8.50 23.44 23.56
C HIS A 109 9.96 23.37 23.14
N ILE A 110 10.33 24.14 22.13
CA ILE A 110 11.73 24.18 21.68
C ILE A 110 12.63 24.82 22.75
N LYS A 111 12.13 25.89 23.37
CA LYS A 111 12.81 26.59 24.46
C LYS A 111 13.02 25.69 25.69
N ASN A 112 12.06 24.80 25.93
CA ASN A 112 12.14 23.91 27.07
C ASN A 112 12.87 22.61 26.78
N GLY A 113 13.34 22.44 25.55
CA GLY A 113 14.19 21.33 25.18
C GLY A 113 13.44 20.07 24.79
N VAL A 114 12.11 20.18 24.67
CA VAL A 114 11.26 19.06 24.25
C VAL A 114 11.60 18.58 22.83
N VAL A 115 11.98 19.54 21.97
CA VAL A 115 12.33 19.27 20.58
C VAL A 115 13.69 19.90 20.26
N ARG A 116 14.61 19.11 19.73
CA ARG A 116 15.95 19.60 19.35
C ARG A 116 16.21 19.70 17.84
N GLN A 117 15.37 19.04 17.02
CA GLN A 117 15.53 18.97 15.57
C GLN A 117 14.17 19.04 14.88
N ILE A 118 14.11 19.80 13.78
CA ILE A 118 12.89 19.89 13.00
C ILE A 118 13.29 19.52 11.58
N TYR A 119 12.55 18.58 10.98
CA TYR A 119 12.53 18.39 9.55
C TYR A 119 11.11 18.76 9.06
N THR A 120 11.00 19.66 8.07
CA THR A 120 9.68 20.14 7.59
C THR A 120 9.77 20.68 6.19
N SER A 121 8.64 20.78 5.51
CA SER A 121 8.59 21.43 4.20
C SER A 121 8.05 22.87 4.26
N GLY A 122 7.38 23.24 5.36
CA GLY A 122 6.89 24.59 5.58
C GLY A 122 7.15 25.11 6.99
N LEU A 123 7.46 26.38 7.08
CA LEU A 123 7.63 27.06 8.35
C LEU A 123 7.06 28.46 8.21
N ARG A 124 5.94 28.74 8.86
CA ARG A 124 5.41 30.10 8.89
C ARG A 124 4.98 30.61 10.24
N GLY A 125 4.31 31.76 10.25
CA GLY A 125 3.79 32.37 11.48
C GLY A 125 4.90 32.78 12.42
N LYS A 126 4.61 32.77 13.72
CA LYS A 126 5.56 33.23 14.75
C LYS A 126 6.76 32.30 14.88
N LEU A 127 6.54 31.02 14.64
CA LEU A 127 7.57 30.00 14.68
C LEU A 127 8.69 30.23 13.66
N GLY A 128 8.33 30.60 12.43
CA GLY A 128 9.31 30.99 11.42
C GLY A 128 10.09 32.22 11.84
N GLU A 129 9.39 33.21 12.39
CA GLU A 129 10.02 34.41 12.92
C GLU A 129 11.06 34.09 14.02
N GLU A 130 10.70 33.20 14.94
CA GLU A 130 11.60 32.79 16.01
C GLU A 130 12.78 31.94 15.53
N ILE A 131 12.56 31.04 14.60
CA ILE A 131 13.69 30.32 13.97
C ILE A 131 14.69 31.25 13.29
N SER A 132 14.20 32.28 12.58
CA SER A 132 15.05 33.28 11.92
C SER A 132 15.84 34.18 12.88
N ALA A 133 15.28 34.41 14.07
CA ALA A 133 15.94 35.14 15.15
C ALA A 133 16.95 34.26 15.86
N GLY A 134 16.79 32.95 15.75
CA GLY A 134 17.79 32.03 16.26
C GLY A 134 17.33 31.20 17.45
N LEU A 135 16.12 30.67 17.37
CA LEU A 135 15.52 29.88 18.45
C LEU A 135 16.25 28.57 18.77
N MSE A 136 16.88 27.95 17.77
CA MSE A 136 17.55 26.65 17.98
C MSE A 136 18.98 26.62 17.53
O MSE A 136 19.34 27.21 16.51
CB MSE A 136 16.85 25.53 17.21
CG MSE A 136 15.43 25.75 16.90
SE MSE A 136 14.63 24.11 16.31
CE MSE A 136 15.65 23.78 14.63
N GLU A 137 19.79 25.86 18.26
CA GLU A 137 21.16 25.54 17.87
C GLU A 137 21.21 24.73 16.55
N ASN A 138 20.45 23.63 16.48
CA ASN A 138 20.39 22.82 15.24
C ASN A 138 19.60 23.48 14.10
N PRO A 139 20.22 23.59 12.90
CA PRO A 139 19.50 24.11 11.75
C PRO A 139 18.34 23.20 11.35
N VAL A 140 17.20 23.80 11.04
CA VAL A 140 16.05 23.09 10.51
C VAL A 140 16.48 22.51 9.16
N GLN A 141 16.09 21.27 8.90
CA GLN A 141 16.26 20.63 7.59
C GLN A 141 14.97 20.86 6.82
N ILE A 142 15.04 21.62 5.72
CA ILE A 142 13.85 21.93 4.91
C ILE A 142 13.86 21.09 3.65
N HIS A 143 12.78 20.34 3.42
CA HIS A 143 12.71 19.42 2.30
C HIS A 143 11.48 19.66 1.44
N SER A 144 11.55 19.26 0.17
CA SER A 144 10.34 19.26 -0.65
C SER A 144 9.44 18.16 -0.13
N HIS A 145 8.18 18.17 -0.55
CA HIS A 145 7.27 17.09 -0.19
C HIS A 145 7.78 15.72 -0.60
N GLY A 146 8.27 15.64 -1.84
CA GLY A 146 8.85 14.41 -2.34
C GLY A 146 10.20 14.14 -1.74
N GLY A 147 10.93 15.18 -1.33
CA GLY A 147 12.22 15.00 -0.71
C GLY A 147 12.11 14.34 0.66
N ARG A 148 11.00 14.62 1.36
CA ARG A 148 10.73 13.99 2.62
C ARG A 148 10.73 12.46 2.51
N VAL A 149 9.95 11.95 1.55
CA VAL A 149 9.85 10.52 1.33
C VAL A 149 11.21 9.88 1.07
N LYS A 150 12.02 10.51 0.24
CA LYS A 150 13.35 10.02 -0.08
C LYS A 150 14.29 9.96 1.15
N LEU A 151 14.28 10.99 1.99
CA LEU A 151 15.03 10.98 3.26
C LEU A 151 14.63 9.84 4.20
N ILE A 152 13.35 9.48 4.18
CA ILE A 152 12.80 8.41 4.99
C ILE A 152 13.29 7.06 4.50
N GLN A 153 13.12 6.82 3.21
CA GLN A 153 13.57 5.60 2.56
C GLN A 153 15.08 5.43 2.65
N SER A 154 15.81 6.54 2.69
CA SER A 154 17.26 6.47 2.69
C SER A 154 17.83 6.18 4.08
N GLY A 155 16.96 6.15 5.09
CA GLY A 155 17.40 5.92 6.44
C GLY A 155 17.92 7.14 7.17
N GLU A 156 17.94 8.30 6.51
CA GLU A 156 18.37 9.52 7.20
C GLU A 156 17.30 9.97 8.21
N LEU A 157 16.04 10.01 7.76
CA LEU A 157 14.94 10.37 8.63
C LEU A 157 14.16 9.09 8.96
N ASN A 158 14.39 8.56 10.17
CA ASN A 158 13.76 7.34 10.66
C ASN A 158 12.72 7.68 11.70
N ILE A 159 11.46 7.43 11.36
CA ILE A 159 10.37 7.77 12.25
C ILE A 159 10.09 6.62 13.20
N ASP A 160 10.19 6.93 14.48
CA ASP A 160 9.89 5.98 15.54
C ASP A 160 8.38 5.90 15.80
N VAL A 161 7.71 7.04 15.94
CA VAL A 161 6.26 7.08 16.17
C VAL A 161 5.53 8.10 15.28
N ALA A 162 4.59 7.62 14.48
CA ALA A 162 3.72 8.52 13.73
C ALA A 162 2.42 8.81 14.47
N PHE A 163 2.08 10.09 14.58
CA PHE A 163 0.81 10.53 15.16
C PHE A 163 -0.10 11.04 14.06
N LEU A 164 -0.97 10.18 13.58
CA LEU A 164 -1.76 10.52 12.39
C LEU A 164 -3.23 10.77 12.73
N GLY A 165 -3.64 12.04 12.68
CA GLY A 165 -5.03 12.39 12.86
C GLY A 165 -5.87 11.97 11.68
N VAL A 166 -7.02 11.38 11.96
CA VAL A 166 -7.95 10.90 10.93
C VAL A 166 -9.37 11.20 11.44
N PRO A 167 -10.32 11.52 10.55
CA PRO A 167 -11.66 11.80 11.06
C PRO A 167 -12.52 10.57 11.40
N CYS A 168 -12.22 9.43 10.80
CA CYS A 168 -12.93 8.19 11.12
C CYS A 168 -12.03 6.98 10.98
N CYS A 169 -12.34 5.95 11.76
CA CYS A 169 -11.50 4.78 11.88
C CYS A 169 -12.35 3.61 12.36
N ASP A 170 -11.98 2.40 11.95
CA ASP A 170 -12.47 1.23 12.64
C ASP A 170 -11.44 0.77 13.68
N GLU A 171 -11.91 -0.16 14.52
CA GLU A 171 -11.20 -0.85 15.58
C GLU A 171 -9.83 -1.42 15.17
N PHE A 172 -9.71 -1.77 13.89
CA PHE A 172 -8.52 -2.43 13.39
C PHE A 172 -7.53 -1.46 12.73
N GLY A 173 -7.99 -0.25 12.47
CA GLY A 173 -7.12 0.80 12.00
C GLY A 173 -7.32 1.23 10.56
N ASN A 174 -8.39 0.78 9.92
CA ASN A 174 -8.73 1.25 8.59
C ASN A 174 -9.39 2.60 8.69
N ALA A 175 -8.73 3.60 8.14
CA ALA A 175 -9.13 5.00 8.25
C ALA A 175 -9.28 5.70 6.91
N ASN A 176 -10.09 6.75 6.87
CA ASN A 176 -10.09 7.63 5.73
C ASN A 176 -10.49 9.02 6.13
N GLY A 177 -10.57 9.94 5.17
CA GLY A 177 -10.93 11.32 5.46
C GLY A 177 -12.29 11.74 4.94
N PHE A 178 -13.24 10.79 4.85
CA PHE A 178 -14.54 11.02 4.18
C PHE A 178 -15.72 11.00 5.13
N SER A 179 -15.47 10.50 6.34
CA SER A 179 -16.46 10.47 7.37
C SER A 179 -15.87 11.05 8.65
N GLY A 180 -16.71 11.28 9.65
CA GLY A 180 -16.30 11.97 10.87
C GLY A 180 -16.60 13.46 10.82
N LYS A 181 -15.87 14.26 11.61
CA LYS A 181 -16.07 15.71 11.61
C LYS A 181 -15.17 16.45 10.61
N SER A 182 -13.85 16.32 10.79
CA SER A 182 -12.84 16.96 9.97
C SER A 182 -12.53 16.17 8.68
N ARG A 183 -13.48 16.19 7.75
CA ARG A 183 -13.42 15.40 6.53
C ARG A 183 -12.52 16.12 5.53
N CYS A 184 -11.24 15.80 5.61
CA CYS A 184 -10.22 16.51 4.86
C CYS A 184 -10.05 15.96 3.44
N GLY A 185 -10.48 14.71 3.22
CA GLY A 185 -10.27 14.05 1.93
C GLY A 185 -8.97 13.25 1.89
N SER A 186 -8.07 13.59 0.99
CA SER A 186 -6.91 12.76 0.74
C SER A 186 -5.98 12.72 1.93
N LEU A 187 -5.56 11.52 2.27
CA LEU A 187 -4.63 11.31 3.35
C LEU A 187 -3.27 10.88 2.78
N GLY A 188 -2.97 11.32 1.56
CA GLY A 188 -1.74 10.99 0.84
C GLY A 188 -0.42 11.29 1.53
N TYR A 189 -0.37 12.34 2.36
CA TYR A 189 0.82 12.58 3.21
C TYR A 189 0.91 11.56 4.34
N ALA A 190 -0.21 11.26 4.98
CA ALA A 190 -0.22 10.26 6.04
C ALA A 190 0.20 8.86 5.56
N GLN A 191 -0.10 8.54 4.29
CA GLN A 191 0.19 7.22 3.70
C GLN A 191 1.70 6.86 3.71
N VAL A 192 2.55 7.88 3.68
CA VAL A 192 3.98 7.67 3.72
C VAL A 192 4.43 7.24 5.10
N ASP A 193 3.91 7.91 6.12
CA ASP A 193 4.24 7.58 7.52
C ASP A 193 3.62 6.24 7.92
N ALA A 194 2.38 6.03 7.52
CA ALA A 194 1.69 4.77 7.70
C ALA A 194 2.57 3.59 7.24
N GLN A 195 3.35 3.74 6.19
CA GLN A 195 4.15 2.63 5.68
C GLN A 195 5.58 2.52 6.27
N TYR A 196 6.19 3.63 6.68
CA TYR A 196 7.61 3.62 7.11
C TYR A 196 7.90 3.83 8.61
N ALA A 197 6.98 4.46 9.34
CA ALA A 197 7.17 4.68 10.78
C ALA A 197 7.28 3.33 11.49
N LYS A 198 8.09 3.26 12.55
CA LYS A 198 8.15 2.03 13.36
C LYS A 198 6.85 1.75 14.10
N CYS A 199 6.20 2.81 14.58
CA CYS A 199 4.94 2.70 15.32
C CYS A 199 3.93 3.70 14.80
N VAL A 200 2.75 3.24 14.34
CA VAL A 200 1.70 4.15 13.81
C VAL A 200 0.51 4.28 14.76
N VAL A 201 0.34 5.49 15.30
CA VAL A 201 -0.74 5.83 16.21
C VAL A 201 -1.73 6.66 15.43
N LEU A 202 -2.96 6.17 15.30
CA LEU A 202 -4.02 6.99 14.73
C LEU A 202 -4.73 7.71 15.84
N LEU A 203 -5.07 8.96 15.60
CA LEU A 203 -5.98 9.69 16.48
C LEU A 203 -7.24 9.94 15.70
N THR A 204 -8.34 9.29 16.09
CA THR A 204 -9.57 9.36 15.34
C THR A 204 -10.61 10.19 16.08
N GLU A 205 -11.49 10.85 15.32
CA GLU A 205 -12.65 11.55 15.88
C GLU A 205 -13.81 10.59 16.06
N GLU A 206 -13.88 9.55 15.24
CA GLU A 206 -15.06 8.72 15.19
C GLU A 206 -14.77 7.25 14.92
N TRP A 207 -15.48 6.35 15.60
CA TRP A 207 -15.38 4.94 15.32
C TRP A 207 -16.43 4.51 14.30
N VAL A 208 -16.04 3.53 13.52
CA VAL A 208 -16.79 3.11 12.36
C VAL A 208 -16.77 1.59 12.39
N GLU A 209 -17.83 0.96 11.87
CA GLU A 209 -17.90 -0.49 11.81
C GLU A 209 -16.87 -1.09 10.85
N PHE A 210 -16.09 -2.07 11.34
CA PHE A 210 -15.18 -2.87 10.53
C PHE A 210 -15.93 -3.65 9.44
N PRO A 211 -15.39 -3.67 8.21
CA PRO A 211 -14.24 -2.88 7.76
C PRO A 211 -14.60 -1.48 7.24
N ASN A 212 -13.82 -0.48 7.65
CA ASN A 212 -13.95 0.86 7.09
C ASN A 212 -13.47 0.86 5.63
N TYR A 213 -14.25 1.47 4.74
CA TYR A 213 -13.93 1.59 3.31
C TYR A 213 -14.24 2.99 2.79
N PRO A 214 -13.31 3.61 2.03
CA PRO A 214 -11.92 3.25 1.75
C PRO A 214 -11.00 3.19 2.96
N ALA A 215 -9.99 2.32 2.89
CA ALA A 215 -8.94 2.27 3.89
C ALA A 215 -7.73 3.01 3.34
N SER A 216 -7.83 4.33 3.32
CA SER A 216 -6.75 5.19 2.91
C SER A 216 -5.52 4.85 3.74
N ILE A 217 -5.74 4.69 5.04
CA ILE A 217 -4.77 4.05 5.92
C ILE A 217 -5.36 2.71 6.34
N ALA A 218 -4.57 1.66 6.20
CA ALA A 218 -5.04 0.29 6.36
C ALA A 218 -4.61 -0.35 7.69
N GLN A 219 -5.37 -1.38 8.07
CA GLN A 219 -5.20 -2.12 9.31
C GLN A 219 -3.81 -2.69 9.53
N ASP A 220 -3.14 -3.14 8.46
CA ASP A 220 -1.84 -3.78 8.58
C ASP A 220 -0.72 -2.76 8.75
N GLN A 221 -1.10 -1.47 8.77
CA GLN A 221 -0.16 -0.38 8.95
C GLN A 221 -0.25 0.25 10.33
N VAL A 222 -1.25 -0.14 11.13
CA VAL A 222 -1.60 0.57 12.35
C VAL A 222 -1.35 -0.24 13.64
N ASP A 223 -0.71 0.41 14.62
CA ASP A 223 -0.40 -0.24 15.91
C ASP A 223 -1.40 0.17 17.00
N LEU A 224 -1.64 1.47 17.11
CA LEU A 224 -2.43 2.06 18.19
C LEU A 224 -3.46 3.06 17.67
N ILE A 225 -4.60 3.11 18.34
CA ILE A 225 -5.67 4.05 18.02
C ILE A 225 -6.30 4.64 19.28
N VAL A 226 -6.44 5.96 19.28
CA VAL A 226 -7.13 6.69 20.35
C VAL A 226 -8.23 7.61 19.76
N GLN A 227 -9.36 7.70 20.43
CA GLN A 227 -10.39 8.66 20.02
C GLN A 227 -10.17 10.01 20.70
N VAL A 228 -10.17 11.08 19.90
CA VAL A 228 -10.08 12.46 20.37
C VAL A 228 -11.31 13.29 19.91
N ASP A 229 -11.42 14.51 20.42
CA ASP A 229 -12.56 15.40 20.12
C ASP A 229 -12.53 15.90 18.67
N GLU A 230 -11.44 16.57 18.30
CA GLU A 230 -11.25 17.07 16.96
C GLU A 230 -9.79 16.96 16.48
N VAL A 231 -9.61 16.64 15.21
CA VAL A 231 -8.25 16.57 14.66
C VAL A 231 -7.91 17.81 13.82
N GLY A 232 -8.96 18.48 13.30
CA GLY A 232 -8.83 19.76 12.63
C GLY A 232 -9.99 20.68 12.97
N ASP A 233 -10.37 21.53 12.01
CA ASP A 233 -11.50 22.45 12.16
C ASP A 233 -12.68 22.00 11.30
N PRO A 234 -13.69 21.33 11.89
CA PRO A 234 -14.67 20.64 11.05
C PRO A 234 -15.39 21.53 10.03
N GLU A 235 -15.86 22.71 10.44
CA GLU A 235 -16.63 23.55 9.52
C GLU A 235 -15.77 24.31 8.51
N LYS A 236 -14.56 24.70 8.88
CA LYS A 236 -13.62 25.29 7.92
C LYS A 236 -13.14 24.27 6.90
N ILE A 237 -12.71 23.11 7.38
CA ILE A 237 -12.19 22.03 6.52
C ILE A 237 -13.23 21.51 5.50
N THR A 238 -14.52 21.54 5.84
CA THR A 238 -15.55 21.00 4.95
C THR A 238 -16.29 22.04 4.08
N ALA A 239 -16.00 23.32 4.31
CA ALA A 239 -16.48 24.42 3.43
C ALA A 239 -16.00 24.25 1.98
N GLY A 240 -16.80 24.72 1.04
CA GLY A 240 -16.51 24.55 -0.37
C GLY A 240 -15.41 25.46 -0.88
N ALA A 241 -14.99 25.24 -2.11
CA ALA A 241 -13.98 26.07 -2.73
C ALA A 241 -14.34 27.55 -2.62
N ILE A 242 -13.34 28.39 -2.35
CA ILE A 242 -13.50 29.83 -2.56
C ILE A 242 -13.29 30.10 -4.06
N ARG A 243 -14.15 30.97 -4.61
CA ARG A 243 -14.13 31.26 -6.05
C ARG A 243 -12.80 31.88 -6.52
N LEU A 244 -12.53 31.81 -7.83
CA LEU A 244 -11.35 32.46 -8.43
C LEU A 244 -11.33 33.95 -8.06
N SER A 245 -10.11 34.50 -7.98
CA SER A 245 -9.93 35.89 -7.58
C SER A 245 -10.56 36.85 -8.60
N SER A 246 -10.96 38.01 -8.12
CA SER A 246 -11.43 39.05 -9.02
C SER A 246 -10.39 40.19 -9.08
N ASN A 247 -9.16 39.90 -8.64
CA ASN A 247 -8.05 40.82 -8.79
C ASN A 247 -7.61 40.83 -10.27
N PRO A 248 -7.85 41.94 -10.98
CA PRO A 248 -7.73 41.97 -12.45
C PRO A 248 -6.29 41.89 -12.96
N ARG A 249 -5.36 42.15 -12.06
CA ARG A 249 -3.95 41.99 -12.30
C ARG A 249 -3.57 40.50 -12.33
N GLU A 250 -4.21 39.68 -11.49
CA GLU A 250 -4.07 38.24 -11.49
C GLU A 250 -4.81 37.55 -12.64
N LEU A 251 -5.95 38.08 -13.05
CA LEU A 251 -6.65 37.58 -14.24
C LEU A 251 -5.89 37.90 -15.51
N LEU A 252 -5.21 39.04 -15.53
CA LEU A 252 -4.25 39.38 -16.59
C LEU A 252 -3.13 38.36 -16.65
N ILE A 253 -2.54 38.06 -15.50
CA ILE A 253 -1.44 37.07 -15.41
C ILE A 253 -1.88 35.70 -15.89
N ALA A 254 -3.11 35.32 -15.52
CA ALA A 254 -3.66 33.99 -15.84
C ALA A 254 -4.08 33.84 -17.30
N ARG A 255 -4.59 34.92 -17.89
CA ARG A 255 -4.98 34.94 -19.30
C ARG A 255 -3.71 34.77 -20.14
N GLN A 256 -2.71 35.59 -19.87
CA GLN A 256 -1.35 35.47 -20.42
C GLN A 256 -0.77 34.06 -20.33
N ALA A 257 -0.87 33.44 -19.16
CA ALA A 257 -0.35 32.09 -18.94
C ALA A 257 -1.11 31.01 -19.72
N ALA A 258 -2.42 31.18 -19.89
CA ALA A 258 -3.21 30.30 -20.78
C ALA A 258 -2.78 30.40 -22.24
N ASN A 259 -2.38 31.59 -22.70
CA ASN A 259 -1.82 31.78 -24.04
C ASN A 259 -0.49 31.08 -24.24
N VAL A 260 0.35 31.12 -23.20
CA VAL A 260 1.65 30.44 -23.22
C VAL A 260 1.44 28.93 -23.41
N ILE A 261 0.48 28.36 -22.67
CA ILE A 261 0.13 26.95 -22.74
C ILE A 261 -0.39 26.66 -24.14
N GLU A 262 -1.34 27.48 -24.60
CA GLU A 262 -1.94 27.24 -25.90
C GLU A 262 -0.91 27.11 -27.02
N HIS A 263 0.11 27.97 -26.99
CA HIS A 263 1.13 28.05 -28.03
C HIS A 263 2.45 27.39 -27.65
N SER A 264 2.45 26.66 -26.52
CA SER A 264 3.66 26.04 -25.98
C SER A 264 4.11 24.84 -26.82
N GLY A 265 3.17 24.12 -27.39
CA GLY A 265 3.47 22.86 -28.04
C GLY A 265 2.92 21.67 -27.26
N TYR A 266 2.39 21.92 -26.05
CA TYR A 266 1.89 20.88 -25.15
C TYR A 266 0.38 20.86 -25.03
N PHE A 267 -0.28 21.86 -25.61
CA PHE A 267 -1.73 21.97 -25.49
C PHE A 267 -2.38 21.10 -26.57
N CYS A 268 -2.36 19.79 -26.35
CA CYS A 268 -2.98 18.80 -27.23
C CYS A 268 -3.92 17.93 -26.43
N ASP A 269 -4.81 17.24 -27.15
CA ASP A 269 -5.72 16.29 -26.54
C ASP A 269 -4.93 15.27 -25.72
N GLY A 270 -5.33 15.09 -24.46
CA GLY A 270 -4.70 14.10 -23.60
C GLY A 270 -3.62 14.68 -22.72
N PHE A 271 -3.49 16.01 -22.74
CA PHE A 271 -2.49 16.72 -21.90
C PHE A 271 -2.80 16.60 -20.40
N SER A 272 -1.77 16.73 -19.58
CA SER A 272 -1.91 16.64 -18.16
C SER A 272 -1.47 17.95 -17.49
N LEU A 273 -2.13 18.31 -16.39
CA LEU A 273 -1.76 19.56 -15.73
C LEU A 273 -1.88 19.52 -14.22
N GLN A 274 -1.13 20.40 -13.59
CA GLN A 274 -1.32 20.75 -12.20
C GLN A 274 -1.48 22.28 -12.12
N THR A 275 -2.61 22.74 -11.58
CA THR A 275 -2.81 24.18 -11.35
C THR A 275 -2.69 24.47 -9.86
N GLY A 276 -2.55 25.75 -9.49
CA GLY A 276 -2.34 26.11 -8.08
C GLY A 276 -3.63 26.29 -7.29
N THR A 277 -3.47 26.78 -6.05
CA THR A 277 -4.58 26.84 -5.08
C THR A 277 -5.10 28.25 -4.84
N GLY A 278 -4.41 29.24 -5.38
CA GLY A 278 -4.83 30.64 -5.28
C GLY A 278 -4.30 31.43 -6.47
N GLY A 279 -4.46 32.74 -6.41
CA GLY A 279 -3.89 33.67 -7.39
C GLY A 279 -4.07 33.29 -8.85
N ALA A 280 -3.13 33.75 -9.67
CA ALA A 280 -3.14 33.47 -11.11
C ALA A 280 -3.05 31.98 -11.39
N SER A 281 -2.38 31.24 -10.51
CA SER A 281 -2.06 29.84 -10.80
C SER A 281 -3.32 28.99 -10.65
N LEU A 282 -4.28 29.47 -9.86
CA LEU A 282 -5.62 28.88 -9.84
C LEU A 282 -6.45 29.38 -11.02
N ALA A 283 -6.58 30.71 -11.15
CA ALA A 283 -7.43 31.37 -12.14
C ALA A 283 -7.14 30.99 -13.60
N VAL A 284 -5.95 30.47 -13.89
CA VAL A 284 -5.63 30.04 -15.25
C VAL A 284 -6.67 29.05 -15.81
N THR A 285 -7.25 28.24 -14.92
CA THR A 285 -8.28 27.25 -15.26
C THR A 285 -9.51 27.82 -15.99
N ARG A 286 -9.91 29.04 -15.63
CA ARG A 286 -11.01 29.72 -16.32
C ARG A 286 -10.76 29.87 -17.83
N PHE A 287 -9.55 30.30 -18.18
CA PHE A 287 -9.16 30.59 -19.56
C PHE A 287 -8.83 29.32 -20.34
N LEU A 288 -8.18 28.38 -19.66
CA LEU A 288 -7.97 27.04 -20.22
C LEU A 288 -9.26 26.34 -20.59
N GLU A 289 -10.25 26.37 -19.71
CA GLU A 289 -11.53 25.74 -20.00
C GLU A 289 -12.10 26.23 -21.30
N ASP A 290 -12.04 27.55 -21.52
CA ASP A 290 -12.49 28.14 -22.76
C ASP A 290 -11.72 27.63 -24.00
N LYS A 291 -10.39 27.65 -23.93
CA LYS A 291 -9.56 27.15 -25.03
C LYS A 291 -9.73 25.66 -25.32
N MSE A 292 -10.02 24.89 -24.28
CA MSE A 292 -10.30 23.47 -24.43
C MSE A 292 -11.65 23.21 -25.13
O MSE A 292 -11.75 22.31 -25.93
CB MSE A 292 -10.28 22.78 -23.06
CG MSE A 292 -8.89 22.61 -22.46
SE MSE A 292 -8.91 22.01 -20.58
CE MSE A 292 -9.47 20.20 -20.89
N ARG A 293 -12.66 24.00 -24.81
CA ARG A 293 -13.95 23.93 -25.50
C ARG A 293 -13.84 24.46 -26.93
N ARG A 294 -12.98 25.46 -27.14
CA ARG A 294 -12.75 26.11 -28.43
C ARG A 294 -12.12 25.13 -29.41
N HIS A 295 -10.92 24.65 -29.06
CA HIS A 295 -10.33 23.46 -29.67
C HIS A 295 -11.26 22.33 -29.21
N ASN A 296 -11.13 21.14 -29.75
CA ASN A 296 -12.05 20.11 -29.25
C ASN A 296 -11.29 19.12 -28.40
N ILE A 297 -10.63 19.62 -27.35
CA ILE A 297 -9.70 18.79 -26.56
C ILE A 297 -10.02 18.62 -25.08
N THR A 298 -9.55 17.49 -24.53
CA THR A 298 -9.67 17.17 -23.11
C THR A 298 -8.30 16.81 -22.50
N ALA A 299 -8.22 16.87 -21.17
CA ALA A 299 -7.02 16.54 -20.40
C ALA A 299 -7.05 15.08 -19.92
N SER A 300 -5.93 14.37 -20.02
CA SER A 300 -5.86 13.01 -19.49
C SER A 300 -5.98 12.97 -17.94
N PHE A 301 -5.23 13.82 -17.25
CA PHE A 301 -5.35 13.91 -15.78
C PHE A 301 -5.02 15.27 -15.17
N GLY A 302 -5.56 15.50 -13.97
CA GLY A 302 -5.24 16.68 -13.17
C GLY A 302 -4.53 16.18 -11.92
N LEU A 303 -3.43 16.82 -11.57
CA LEU A 303 -2.65 16.41 -10.42
C LEU A 303 -2.61 17.48 -9.35
N GLY A 304 -2.62 17.03 -8.10
CA GLY A 304 -2.02 17.80 -7.04
C GLY A 304 -2.64 17.56 -5.69
N GLY A 305 -2.75 18.67 -4.96
CA GLY A 305 -3.82 18.96 -4.09
C GLY A 305 -4.88 19.56 -5.01
N ILE A 306 -5.94 18.80 -5.19
CA ILE A 306 -7.07 19.12 -6.02
C ILE A 306 -7.93 20.23 -5.38
N THR A 307 -8.45 21.13 -6.21
CA THR A 307 -9.38 22.18 -5.81
C THR A 307 -10.74 21.90 -6.45
N GLY A 308 -11.78 22.54 -5.93
CA GLY A 308 -13.14 22.41 -6.44
C GLY A 308 -13.26 22.79 -7.90
N THR A 309 -12.51 23.79 -8.32
CA THR A 309 -12.50 24.26 -9.71
C THR A 309 -11.99 23.15 -10.66
N MSE A 310 -11.12 22.30 -10.14
CA MSE A 310 -10.57 21.20 -10.91
C MSE A 310 -11.52 20.01 -10.91
O MSE A 310 -11.63 19.31 -11.90
CB MSE A 310 -9.23 20.81 -10.31
CG MSE A 310 -8.24 20.27 -11.30
SE MSE A 310 -7.45 21.65 -12.49
CE MSE A 310 -5.76 20.61 -12.82
N VAL A 311 -12.19 19.80 -9.79
CA VAL A 311 -13.31 18.87 -9.67
C VAL A 311 -14.35 19.20 -10.74
N ASP A 312 -14.72 20.48 -10.76
CA ASP A 312 -15.65 21.03 -11.72
C ASP A 312 -15.32 20.66 -13.18
N LEU A 313 -14.06 20.80 -13.59
CA LEU A 313 -13.66 20.42 -14.96
C LEU A 313 -13.72 18.91 -15.22
N HIS A 314 -13.49 18.12 -14.17
CA HIS A 314 -13.66 16.67 -14.21
C HIS A 314 -15.13 16.31 -14.45
N GLU A 315 -16.02 17.05 -13.80
CA GLU A 315 -17.45 16.77 -13.89
C GLU A 315 -18.06 17.08 -15.24
N LYS A 316 -17.46 18.02 -15.96
CA LYS A 316 -17.86 18.37 -17.34
C LYS A 316 -17.13 17.55 -18.40
N GLY A 317 -16.35 16.56 -18.00
CA GLY A 317 -15.65 15.69 -18.94
C GLY A 317 -14.34 16.24 -19.50
N LEU A 318 -13.93 17.40 -19.04
CA LEU A 318 -12.75 18.05 -19.60
C LEU A 318 -11.40 17.51 -19.10
N ILE A 319 -11.37 16.92 -17.90
CA ILE A 319 -10.20 16.23 -17.36
C ILE A 319 -10.62 14.83 -16.97
N LYS A 320 -10.00 13.80 -17.54
CA LYS A 320 -10.58 12.46 -17.49
C LYS A 320 -10.45 11.77 -16.13
N ALA A 321 -9.45 12.20 -15.36
CA ALA A 321 -9.15 11.61 -14.07
C ALA A 321 -8.47 12.68 -13.21
N LEU A 322 -8.65 12.59 -11.90
CA LEU A 322 -7.94 13.46 -10.99
C LEU A 322 -7.13 12.62 -10.02
N LEU A 323 -5.91 13.06 -9.74
CA LEU A 323 -5.01 12.38 -8.82
C LEU A 323 -4.63 13.30 -7.64
N ASP A 324 -4.93 12.84 -6.42
CA ASP A 324 -5.17 13.72 -5.26
C ASP A 324 -4.32 13.28 -4.08
N THR A 325 -3.25 14.01 -3.81
CA THR A 325 -2.42 13.75 -2.63
C THR A 325 -2.88 14.57 -1.40
N GLN A 326 -3.77 15.55 -1.66
CA GLN A 326 -4.30 16.45 -0.64
C GLN A 326 -5.45 17.21 -1.26
N SER A 327 -6.63 17.13 -0.66
CA SER A 327 -7.80 17.87 -1.17
C SER A 327 -7.82 19.26 -0.52
N PHE A 328 -7.90 20.32 -1.31
CA PHE A 328 -7.71 21.67 -0.73
C PHE A 328 -8.97 22.37 -0.26
N ASP A 329 -10.11 21.77 -0.55
CA ASP A 329 -11.36 22.27 -0.02
C ASP A 329 -12.31 21.10 0.13
N GLY A 330 -13.51 21.37 0.63
CA GLY A 330 -14.46 20.32 0.96
C GLY A 330 -15.18 19.81 -0.27
N ASP A 331 -15.25 20.62 -1.33
CA ASP A 331 -15.79 20.16 -2.63
C ASP A 331 -14.86 19.09 -3.24
N ALA A 332 -13.55 19.35 -3.26
CA ALA A 332 -12.54 18.36 -3.66
C ALA A 332 -12.64 17.09 -2.82
N ALA A 333 -12.62 17.26 -1.50
CA ALA A 333 -12.77 16.14 -0.56
C ALA A 333 -14.01 15.27 -0.81
N ARG A 334 -15.16 15.89 -1.09
CA ARG A 334 -16.42 15.18 -1.34
C ARG A 334 -16.43 14.48 -2.70
N SER A 335 -15.88 15.14 -3.72
CA SER A 335 -15.63 14.50 -5.01
C SER A 335 -14.64 13.32 -4.98
N LEU A 336 -13.65 13.34 -4.08
CA LEU A 336 -12.73 12.22 -3.95
C LEU A 336 -13.47 11.02 -3.44
N ALA A 337 -14.39 11.24 -2.51
CA ALA A 337 -15.25 10.22 -1.92
C ALA A 337 -16.28 9.66 -2.90
N GLN A 338 -16.94 10.54 -3.65
CA GLN A 338 -18.03 10.13 -4.56
C GLN A 338 -17.61 9.73 -5.98
N ASN A 339 -16.64 10.43 -6.58
CA ASN A 339 -16.30 10.20 -7.99
C ASN A 339 -15.19 9.16 -8.14
N PRO A 340 -15.44 8.07 -8.90
CA PRO A 340 -14.44 7.00 -8.94
C PRO A 340 -13.13 7.36 -9.64
N HIS A 341 -13.14 8.29 -10.59
CA HIS A 341 -11.87 8.69 -11.22
C HIS A 341 -11.20 9.93 -10.58
N HIS A 342 -11.74 10.34 -9.43
CA HIS A 342 -11.03 11.22 -8.54
C HIS A 342 -10.33 10.28 -7.55
N ILE A 343 -9.03 10.09 -7.75
CA ILE A 343 -8.25 9.03 -7.09
C ILE A 343 -7.28 9.55 -6.00
N GLU A 344 -7.24 8.90 -4.85
CA GLU A 344 -6.31 9.28 -3.79
C GLU A 344 -4.96 8.59 -4.05
N ILE A 345 -3.87 9.38 -3.99
CA ILE A 345 -2.49 8.86 -4.15
C ILE A 345 -1.59 9.32 -3.01
N SER A 346 -0.51 8.58 -2.73
CA SER A 346 0.41 8.95 -1.65
C SER A 346 1.46 9.93 -2.15
N THR A 347 2.22 10.51 -1.25
CA THR A 347 3.29 11.40 -1.65
C THR A 347 4.41 10.66 -2.42
N ASN A 348 4.53 9.36 -2.21
CA ASN A 348 5.44 8.54 -3.00
C ASN A 348 5.01 8.43 -4.46
N GLN A 349 3.70 8.38 -4.70
CA GLN A 349 3.20 8.22 -6.03
C GLN A 349 3.13 9.56 -6.72
N TYR A 350 3.38 10.62 -5.95
CA TYR A 350 3.25 12.00 -6.40
C TYR A 350 4.56 12.64 -6.80
N ALA A 351 5.52 12.69 -5.87
CA ALA A 351 6.62 13.61 -5.99
C ALA A 351 8.01 13.13 -5.62
N ASN A 352 8.14 11.90 -5.11
CA ASN A 352 9.45 11.40 -4.67
C ASN A 352 10.41 11.19 -5.84
N PRO A 353 11.56 11.90 -5.84
CA PRO A 353 12.56 11.61 -6.88
C PRO A 353 13.05 10.14 -6.92
N ALA A 354 13.04 9.47 -5.77
CA ALA A 354 13.41 8.05 -5.71
C ALA A 354 12.25 7.06 -5.96
N SER A 355 11.04 7.60 -6.19
CA SER A 355 9.87 6.75 -6.39
C SER A 355 10.06 5.86 -7.62
N LYS A 356 9.45 4.69 -7.61
CA LYS A 356 9.41 3.91 -8.86
C LYS A 356 8.34 4.46 -9.80
N GLY A 357 7.51 5.37 -9.31
CA GLY A 357 6.41 5.92 -10.10
C GLY A 357 5.82 7.19 -9.49
N ALA A 358 6.35 8.36 -9.87
CA ALA A 358 5.84 9.63 -9.39
C ALA A 358 5.09 10.31 -10.52
N ALA A 359 3.80 10.53 -10.29
CA ALA A 359 2.88 11.11 -11.27
C ALA A 359 3.33 12.48 -11.78
N CYS A 360 4.11 13.20 -10.95
CA CYS A 360 4.60 14.53 -11.33
C CYS A 360 5.56 14.52 -12.50
N GLU A 361 6.23 13.39 -12.69
CA GLU A 361 7.12 13.21 -13.83
C GLU A 361 6.34 12.91 -15.11
N ARG A 362 5.01 12.90 -15.04
CA ARG A 362 4.15 12.65 -16.21
C ARG A 362 3.33 13.87 -16.56
N LEU A 363 3.70 15.00 -15.96
CA LEU A 363 3.00 16.23 -16.13
C LEU A 363 3.40 16.98 -17.41
N ASN A 364 2.42 17.54 -18.08
CA ASN A 364 2.70 18.42 -19.21
C ASN A 364 2.97 19.84 -18.70
N VAL A 365 2.10 20.31 -17.81
CA VAL A 365 2.13 21.69 -17.35
C VAL A 365 1.92 21.75 -15.84
N VAL A 366 2.70 22.60 -15.20
CA VAL A 366 2.44 22.98 -13.82
C VAL A 366 2.48 24.51 -13.74
N MSE A 367 1.62 25.06 -12.91
CA MSE A 367 1.62 26.46 -12.58
C MSE A 367 2.13 26.59 -11.15
O MSE A 367 1.54 26.04 -10.22
CB MSE A 367 0.19 26.95 -12.60
CG MSE A 367 -0.57 26.52 -13.84
SE MSE A 367 0.03 27.64 -15.31
CE MSE A 367 -0.11 29.42 -14.41
N LEU A 368 3.24 27.31 -11.00
CA LEU A 368 3.79 27.60 -9.68
C LEU A 368 3.79 29.09 -9.37
N SER A 369 3.75 29.46 -8.10
CA SER A 369 3.93 30.86 -7.73
C SER A 369 5.38 31.08 -7.30
N ALA A 370 5.65 32.29 -6.79
CA ALA A 370 6.98 32.67 -6.35
C ALA A 370 6.90 33.87 -5.42
N LEU A 371 7.71 33.86 -4.36
CA LEU A 371 7.93 35.09 -3.59
C LEU A 371 8.92 35.97 -4.32
N GLU A 372 9.96 35.35 -4.86
CA GLU A 372 10.99 36.02 -5.67
C GLU A 372 11.40 35.09 -6.79
N ILE A 373 11.83 35.68 -7.90
CA ILE A 373 12.53 34.93 -8.97
C ILE A 373 13.73 35.75 -9.46
N ASP A 374 14.90 35.15 -9.62
CA ASP A 374 16.03 35.96 -10.06
C ASP A 374 16.34 35.84 -11.54
N VAL A 375 17.40 36.52 -11.98
CA VAL A 375 17.72 36.57 -13.40
C VAL A 375 18.27 35.24 -13.92
N ASN A 376 18.59 34.32 -13.00
CA ASN A 376 18.83 32.92 -13.37
C ASN A 376 17.58 32.04 -13.30
N PHE A 377 16.41 32.66 -13.08
CA PHE A 377 15.14 31.94 -12.96
C PHE A 377 15.03 31.05 -11.72
N ASN A 378 16.02 31.14 -10.83
CA ASN A 378 15.97 30.57 -9.47
C ASN A 378 14.79 31.13 -8.65
N VAL A 379 14.07 30.27 -7.94
CA VAL A 379 12.82 30.71 -7.31
C VAL A 379 12.92 30.61 -5.79
N ASN A 380 12.56 31.69 -5.10
CA ASN A 380 12.40 31.72 -3.65
C ASN A 380 10.93 31.55 -3.24
N VAL A 381 10.65 30.51 -2.46
CA VAL A 381 9.35 30.32 -1.84
C VAL A 381 9.41 30.17 -0.31
N MSE A 382 10.61 30.29 0.25
CA MSE A 382 10.85 30.06 1.67
C MSE A 382 10.92 31.35 2.52
O MSE A 382 10.41 31.38 3.64
CB MSE A 382 12.15 29.27 1.87
CG MSE A 382 11.97 27.77 2.07
SE MSE A 382 10.51 27.11 3.30
CE MSE A 382 10.61 28.30 4.86
N THR A 383 11.57 32.39 2.00
CA THR A 383 11.86 33.55 2.81
C THR A 383 11.24 34.82 2.28
N GLY A 384 10.76 35.64 3.22
CA GLY A 384 10.17 36.94 2.92
C GLY A 384 11.21 37.96 2.51
N SER A 385 10.73 39.14 2.14
CA SER A 385 11.60 40.17 1.60
C SER A 385 12.54 40.69 2.67
N ASN A 386 12.17 40.44 3.93
CA ASN A 386 12.95 40.79 5.11
C ASN A 386 13.88 39.68 5.59
N GLY A 387 13.99 38.59 4.82
CA GLY A 387 14.89 37.46 5.12
C GLY A 387 14.33 36.43 6.09
N VAL A 388 13.12 36.69 6.59
CA VAL A 388 12.48 35.83 7.61
C VAL A 388 11.74 34.65 6.95
N LEU A 389 11.88 33.45 7.53
CA LEU A 389 11.19 32.25 7.07
C LEU A 389 9.70 32.45 7.14
N ARG A 390 9.02 32.33 6.00
CA ARG A 390 7.58 32.56 5.97
C ARG A 390 6.79 31.61 5.06
N GLY A 391 7.47 30.86 4.19
CA GLY A 391 6.74 30.04 3.23
C GLY A 391 6.98 28.56 3.34
N ALA A 392 6.71 27.84 2.26
CA ALA A 392 6.87 26.40 2.21
C ALA A 392 7.63 25.99 0.95
N SER A 393 8.59 25.09 1.11
CA SER A 393 9.22 24.49 -0.04
C SER A 393 8.16 23.63 -0.77
N GLY A 394 7.44 22.79 -0.04
CA GLY A 394 6.33 22.02 -0.62
C GLY A 394 6.72 21.14 -1.80
N GLY A 395 5.82 21.04 -2.76
CA GLY A 395 6.04 20.24 -3.96
C GLY A 395 6.52 21.09 -5.10
N HIS A 396 6.86 22.36 -4.81
CA HIS A 396 7.25 23.35 -5.82
C HIS A 396 8.37 22.84 -6.72
N SER A 397 9.48 22.42 -6.12
CA SER A 397 10.63 21.97 -6.86
C SER A 397 10.48 20.57 -7.44
N ASP A 398 9.50 19.82 -6.94
CA ASP A 398 9.23 18.43 -7.37
C ASP A 398 8.46 18.46 -8.65
N THR A 399 7.37 19.23 -8.69
CA THR A 399 6.60 19.38 -9.91
C THR A 399 7.37 20.14 -11.00
N ALA A 400 8.24 21.07 -10.61
CA ALA A 400 9.01 21.84 -11.57
C ALA A 400 10.00 20.92 -12.31
N ALA A 401 10.73 20.12 -11.54
CA ALA A 401 11.62 19.07 -12.04
C ALA A 401 10.93 18.01 -12.89
N GLY A 402 9.72 17.62 -12.49
CA GLY A 402 9.01 16.55 -13.15
C GLY A 402 8.32 16.99 -14.40
N ALA A 403 7.64 18.13 -14.39
CA ALA A 403 6.87 18.65 -15.53
C ALA A 403 7.69 18.97 -16.80
N ASP A 404 7.03 18.92 -17.97
CA ASP A 404 7.62 19.27 -19.28
C ASP A 404 7.76 20.77 -19.38
N LEU A 405 6.74 21.46 -18.88
CA LEU A 405 6.66 22.91 -18.93
C LEU A 405 6.25 23.46 -17.57
N THR A 406 7.10 24.32 -17.03
CA THR A 406 6.89 24.89 -15.73
C THR A 406 6.77 26.39 -15.83
N ILE A 407 5.58 26.89 -15.46
CA ILE A 407 5.27 28.30 -15.51
C ILE A 407 5.19 28.91 -14.11
N ILE A 408 5.93 30.00 -13.92
CA ILE A 408 5.88 30.83 -12.71
C ILE A 408 5.00 32.04 -13.02
N THR A 409 3.92 32.19 -12.25
CA THR A 409 3.04 33.35 -12.35
C THR A 409 3.30 34.20 -11.11
N ALA A 410 3.74 35.44 -11.32
CA ALA A 410 3.96 36.37 -10.24
C ALA A 410 3.77 37.77 -10.77
N PRO A 411 3.11 38.66 -9.99
CA PRO A 411 3.12 40.07 -10.38
C PRO A 411 4.56 40.60 -10.35
N LEU A 412 4.88 41.61 -11.14
CA LEU A 412 6.23 42.16 -11.14
C LEU A 412 6.63 42.71 -9.75
N VAL A 413 5.67 43.29 -9.07
CA VAL A 413 5.94 44.09 -7.88
C VAL A 413 4.83 43.79 -6.86
N ARG A 414 5.17 43.68 -5.59
CA ARG A 414 4.10 43.62 -4.60
C ARG A 414 4.25 44.79 -3.65
N GLY A 415 3.44 45.82 -3.87
CA GLY A 415 3.58 47.08 -3.14
C GLY A 415 4.90 47.73 -3.47
N ARG A 416 5.80 47.77 -2.49
CA ARG A 416 7.11 48.36 -2.68
C ARG A 416 8.20 47.31 -2.87
N ILE A 417 7.80 46.05 -2.92
CA ILE A 417 8.74 44.93 -3.02
C ILE A 417 8.72 44.26 -4.41
N PRO A 418 9.90 44.22 -5.06
CA PRO A 418 10.05 43.59 -6.37
C PRO A 418 10.04 42.04 -6.30
N CYS A 419 9.36 41.38 -7.23
CA CYS A 419 9.36 39.91 -7.29
C CYS A 419 10.47 39.40 -8.21
N VAL A 420 10.69 40.09 -9.31
CA VAL A 420 11.85 39.82 -10.12
C VAL A 420 13.02 40.65 -9.59
N VAL A 421 14.07 39.94 -9.17
CA VAL A 421 15.27 40.50 -8.58
C VAL A 421 16.55 39.96 -9.26
N GLU A 422 17.70 40.49 -8.85
CA GLU A 422 18.99 40.11 -9.42
C GLU A 422 19.41 38.73 -8.90
N LYS A 423 19.30 38.55 -7.59
CA LYS A 423 19.66 37.31 -6.92
C LYS A 423 18.68 37.14 -5.77
N VAL A 424 17.91 36.03 -5.77
CA VAL A 424 16.94 35.75 -4.69
C VAL A 424 17.69 35.43 -3.38
N LEU A 425 17.08 35.74 -2.25
CA LEU A 425 17.66 35.42 -0.94
C LEU A 425 17.92 33.92 -0.73
N THR A 426 16.89 33.11 -1.00
CA THR A 426 17.02 31.65 -0.88
C THR A 426 16.61 30.98 -2.17
N THR A 427 17.46 30.09 -2.69
CA THR A 427 17.05 29.23 -3.80
C THR A 427 16.35 27.96 -3.31
N VAL A 428 15.10 27.81 -3.72
CA VAL A 428 14.37 26.59 -3.45
C VAL A 428 14.22 25.72 -4.69
N THR A 429 13.84 26.34 -5.80
CA THR A 429 13.66 25.65 -7.04
C THR A 429 14.70 26.22 -8.02
N PRO A 430 15.60 25.37 -8.57
CA PRO A 430 16.66 25.91 -9.45
C PRO A 430 16.09 26.34 -10.79
N GLY A 431 16.67 27.37 -11.38
CA GLY A 431 16.17 27.96 -12.62
C GLY A 431 16.14 26.99 -13.78
N ALA A 432 17.13 26.10 -13.80
CA ALA A 432 17.23 24.98 -14.76
C ALA A 432 15.92 24.21 -14.88
N SER A 433 15.09 24.32 -13.85
CA SER A 433 13.72 23.74 -13.77
C SER A 433 12.59 24.65 -14.17
N VAL A 434 12.86 25.94 -14.32
CA VAL A 434 11.82 26.94 -14.63
C VAL A 434 11.90 27.30 -16.09
N ASP A 435 10.76 27.26 -16.76
CA ASP A 435 10.69 27.45 -18.20
C ASP A 435 10.13 28.84 -18.59
N VAL A 436 9.03 29.25 -17.98
CA VAL A 436 8.45 30.54 -18.32
C VAL A 436 8.10 31.33 -17.07
N LEU A 437 8.44 32.63 -17.08
CA LEU A 437 7.94 33.57 -16.11
C LEU A 437 6.84 34.39 -16.76
N VAL A 438 5.64 34.35 -16.20
CA VAL A 438 4.52 35.20 -16.68
C VAL A 438 4.19 36.22 -15.58
N THR A 439 4.33 37.52 -15.90
CA THR A 439 3.98 38.60 -14.94
C THR A 439 2.88 39.52 -15.54
N ASP A 440 2.55 40.58 -14.82
CA ASP A 440 1.64 41.62 -15.31
C ASP A 440 2.34 42.67 -16.19
N HIS A 441 3.68 42.57 -16.31
CA HIS A 441 4.44 43.48 -17.14
C HIS A 441 5.17 42.72 -18.25
N GLY A 442 4.74 41.51 -18.55
CA GLY A 442 5.35 40.76 -19.65
C GLY A 442 5.77 39.36 -19.32
N ILE A 443 6.26 38.67 -20.35
CA ILE A 443 6.60 37.24 -20.29
C ILE A 443 8.06 37.04 -20.64
N ALA A 444 8.77 36.21 -19.86
CA ALA A 444 10.19 35.92 -20.09
C ALA A 444 10.36 34.40 -20.13
N VAL A 445 10.99 33.90 -21.17
CA VAL A 445 11.20 32.46 -21.35
C VAL A 445 12.65 32.15 -20.97
N ASN A 446 12.89 31.08 -20.23
CA ASN A 446 14.25 30.64 -19.99
C ASN A 446 14.98 30.37 -21.30
N PRO A 447 16.11 31.07 -21.51
CA PRO A 447 16.92 30.92 -22.74
C PRO A 447 17.39 29.47 -23.00
N ALA A 448 17.42 28.63 -21.95
CA ALA A 448 17.77 27.21 -22.09
C ALA A 448 16.75 26.45 -22.91
N ARG A 449 15.55 27.02 -23.01
CA ARG A 449 14.40 26.45 -23.70
C ARG A 449 14.20 27.09 -25.07
N GLN A 450 15.06 26.72 -26.04
CA GLN A 450 15.02 27.30 -27.38
C GLN A 450 13.75 26.92 -28.12
N ASP A 451 13.25 25.72 -27.83
CA ASP A 451 12.01 25.18 -28.40
C ASP A 451 10.79 26.09 -28.13
N LEU A 452 10.69 26.52 -26.88
CA LEU A 452 9.65 27.41 -26.37
C LEU A 452 9.76 28.80 -26.95
N LEU A 453 10.96 29.35 -26.96
CA LEU A 453 11.23 30.62 -27.59
C LEU A 453 10.64 30.60 -28.99
N ASP A 454 11.04 29.60 -29.79
CA ASP A 454 10.61 29.46 -31.20
C ASP A 454 9.10 29.37 -31.37
N ASN A 455 8.47 28.50 -30.57
CA ASN A 455 7.04 28.27 -30.60
C ASN A 455 6.24 29.51 -30.24
N LEU A 456 6.69 30.21 -29.20
CA LEU A 456 6.00 31.39 -28.74
C LEU A 456 6.23 32.59 -29.66
N ARG A 457 7.46 32.75 -30.15
CA ARG A 457 7.73 33.74 -31.19
C ARG A 457 6.88 33.55 -32.45
N ALA A 458 6.82 32.33 -32.97
CA ALA A 458 6.07 32.00 -34.19
C ALA A 458 4.53 32.20 -34.06
N ALA A 459 4.01 32.13 -32.84
CA ALA A 459 2.60 32.36 -32.57
C ALA A 459 2.29 33.80 -32.28
N GLY A 460 3.33 34.66 -32.30
CA GLY A 460 3.18 36.09 -32.07
C GLY A 460 2.91 36.48 -30.63
N VAL A 461 3.39 35.66 -29.69
CA VAL A 461 3.36 36.02 -28.28
C VAL A 461 4.55 36.95 -28.01
N ALA A 462 4.24 38.16 -27.55
CA ALA A 462 5.28 39.16 -27.25
C ALA A 462 6.03 38.79 -25.98
N LEU A 463 7.35 38.62 -26.11
CA LEU A 463 8.23 38.19 -25.01
C LEU A 463 9.20 39.27 -24.58
N MSE A 464 9.75 39.11 -23.38
CA MSE A 464 10.86 39.93 -22.92
C MSE A 464 11.94 39.09 -22.31
O MSE A 464 11.74 37.89 -22.09
CB MSE A 464 10.39 40.89 -21.85
CG MSE A 464 9.74 42.10 -22.41
SE MSE A 464 9.01 43.06 -20.89
CE MSE A 464 7.81 44.41 -22.00
N THR A 465 13.07 39.70 -22.01
CA THR A 465 14.10 39.05 -21.23
C THR A 465 13.82 39.19 -19.73
N ILE A 466 14.25 38.24 -18.92
CA ILE A 466 14.08 38.39 -17.48
C ILE A 466 14.88 39.59 -16.90
N GLU A 467 16.03 39.93 -17.53
CA GLU A 467 16.80 41.14 -17.18
C GLU A 467 16.02 42.43 -17.43
N GLN A 468 15.26 42.48 -18.52
CA GLN A 468 14.39 43.61 -18.78
C GLN A 468 13.30 43.72 -17.71
N LEU A 469 12.69 42.61 -17.33
CA LEU A 469 11.66 42.61 -16.30
C LEU A 469 12.25 43.01 -14.92
N GLN A 470 13.48 42.58 -14.65
CA GLN A 470 14.18 42.95 -13.45
C GLN A 470 14.45 44.46 -13.36
N GLN A 471 14.95 45.05 -14.44
CA GLN A 471 15.30 46.47 -14.45
C GLN A 471 14.06 47.31 -14.29
N ARG A 472 12.95 46.82 -14.86
CA ARG A 472 11.68 47.48 -14.74
C ARG A 472 11.20 47.35 -13.30
N ALA A 473 11.40 46.18 -12.68
CA ALA A 473 11.04 46.07 -11.25
C ALA A 473 11.86 46.99 -10.36
N GLU A 474 13.16 47.17 -10.65
CA GLU A 474 14.02 48.06 -9.86
C GLU A 474 13.63 49.51 -10.08
N GLN A 475 13.12 49.80 -11.27
CA GLN A 475 12.68 51.14 -11.62
C GLN A 475 11.48 51.59 -10.79
N LEU A 476 10.64 50.61 -10.43
CA LEU A 476 9.37 50.86 -9.74
C LEU A 476 9.47 50.72 -8.21
N THR A 477 10.60 50.20 -7.73
CA THR A 477 10.79 49.93 -6.30
C THR A 477 12.13 50.44 -5.75
N GLY A 478 12.97 51.00 -6.62
CA GLY A 478 14.30 51.42 -6.21
C GLY A 478 15.17 50.22 -5.92
N LYS A 479 16.47 50.45 -5.71
CA LYS A 479 17.36 49.35 -5.32
C LYS A 479 17.02 48.99 -3.88
N PRO A 480 16.70 47.70 -3.64
CA PRO A 480 16.33 47.34 -2.28
C PRO A 480 17.58 47.11 -1.44
N GLN A 481 17.65 47.77 -0.29
CA GLN A 481 18.73 47.59 0.65
C GLN A 481 18.69 46.15 1.18
N PRO A 482 19.82 45.41 1.07
CA PRO A 482 19.97 44.05 1.61
C PRO A 482 19.64 43.95 3.10
N ILE A 483 19.32 42.73 3.53
CA ILE A 483 18.93 42.47 4.91
C ILE A 483 20.19 42.19 5.73
N GLU A 484 20.14 42.47 7.02
CA GLU A 484 21.30 42.21 7.88
C GLU A 484 21.33 40.77 8.46
N PHE A 485 22.10 39.89 7.81
CA PHE A 485 22.28 38.52 8.32
C PHE A 485 23.50 38.39 9.21
N THR A 486 23.46 37.46 10.15
CA THR A 486 24.66 37.06 10.88
C THR A 486 25.29 35.89 10.12
N ASP A 487 26.36 35.30 10.63
CA ASP A 487 26.97 34.12 9.98
C ASP A 487 26.17 32.87 10.31
N ARG A 488 25.30 32.97 11.30
CA ARG A 488 24.61 31.81 11.83
C ARG A 488 23.59 31.21 10.85
N VAL A 489 23.77 29.90 10.60
CA VAL A 489 22.90 29.11 9.76
C VAL A 489 21.67 28.61 10.55
N VAL A 490 20.51 28.99 10.05
CA VAL A 490 19.25 28.79 10.75
C VAL A 490 18.43 27.61 10.13
N ALA A 491 18.66 27.35 8.84
CA ALA A 491 17.98 26.30 8.10
C ALA A 491 18.83 25.81 6.93
N VAL A 492 18.72 24.52 6.62
CA VAL A 492 19.38 23.95 5.45
C VAL A 492 18.33 23.58 4.42
N VAL A 493 18.39 24.18 3.23
CA VAL A 493 17.46 23.83 2.16
C VAL A 493 17.94 22.63 1.36
N ARG A 494 17.31 21.49 1.58
CA ARG A 494 17.70 20.27 0.90
C ARG A 494 16.92 20.17 -0.38
N TYR A 495 17.63 20.08 -1.50
CA TYR A 495 16.98 19.83 -2.77
C TYR A 495 16.34 18.43 -2.69
N ARG A 496 15.27 18.21 -3.47
CA ARG A 496 14.54 16.92 -3.50
C ARG A 496 15.39 15.66 -3.58
N ASP A 497 16.53 15.69 -4.26
CA ASP A 497 17.34 14.49 -4.29
C ASP A 497 18.16 14.28 -3.01
N GLY A 498 17.85 15.10 -1.99
CA GLY A 498 18.56 15.02 -0.72
C GLY A 498 19.79 15.92 -0.59
N SER A 499 20.32 16.40 -1.72
CA SER A 499 21.52 17.24 -1.72
C SER A 499 21.16 18.64 -1.17
N VAL A 500 22.16 19.46 -0.88
CA VAL A 500 21.86 20.79 -0.33
C VAL A 500 22.00 21.89 -1.38
N ILE A 501 20.96 22.70 -1.49
CA ILE A 501 20.90 23.71 -2.53
C ILE A 501 21.14 25.13 -1.98
N ASP A 502 20.89 25.33 -0.68
CA ASP A 502 21.07 26.62 -0.03
C ASP A 502 20.97 26.50 1.49
N VAL A 503 21.30 27.60 2.16
CA VAL A 503 21.13 27.72 3.59
C VAL A 503 20.47 29.05 3.85
N ILE A 504 19.71 29.10 4.95
CA ILE A 504 19.12 30.33 5.42
C ILE A 504 19.86 30.82 6.64
N ARG A 505 20.20 32.10 6.67
CA ARG A 505 20.93 32.65 7.81
C ARG A 505 20.02 33.43 8.75
N GLN A 506 20.50 33.64 9.97
CA GLN A 506 19.80 34.38 11.00
C GLN A 506 19.77 35.86 10.62
N VAL A 507 18.62 36.48 10.89
CA VAL A 507 18.36 37.88 10.55
C VAL A 507 18.59 38.72 11.80
N LYS A 508 19.48 39.72 11.69
CA LYS A 508 19.71 40.73 12.75
C LYS A 508 18.44 41.51 13.13
N ALA B 3 30.38 25.24 -6.20
CA ALA B 3 29.23 26.18 -5.99
C ALA B 3 28.71 26.17 -4.55
N MSE B 4 28.42 24.98 -4.02
CA MSE B 4 27.97 24.82 -2.62
C MSE B 4 28.97 24.03 -1.78
O MSE B 4 28.81 23.94 -0.56
CB MSE B 4 26.60 24.13 -2.58
CG MSE B 4 25.38 25.04 -2.63
SE MSE B 4 24.94 25.91 -0.91
CE MSE B 4 25.18 27.84 -1.45
N LYS B 5 29.99 23.46 -2.43
CA LYS B 5 30.99 22.59 -1.78
C LYS B 5 31.61 23.26 -0.58
N GLU B 6 31.97 24.53 -0.75
CA GLU B 6 32.60 25.36 0.29
C GLU B 6 31.72 25.41 1.55
N THR B 7 30.45 25.73 1.37
CA THR B 7 29.53 25.95 2.48
C THR B 7 29.03 24.67 3.18
N VAL B 8 28.88 23.59 2.43
CA VAL B 8 28.55 22.29 3.03
C VAL B 8 29.67 21.80 3.99
N THR B 9 30.93 22.05 3.62
CA THR B 9 32.09 21.79 4.48
C THR B 9 31.97 22.50 5.82
N MSE B 10 31.64 23.78 5.74
CA MSE B 10 31.44 24.63 6.89
C MSE B 10 30.24 24.17 7.76
O MSE B 10 30.27 24.33 8.98
CB MSE B 10 31.32 26.09 6.38
CG MSE B 10 30.98 27.16 7.39
SE MSE B 10 29.05 27.36 7.55
CE MSE B 10 28.66 28.22 5.74
N LEU B 11 29.21 23.59 7.14
CA LEU B 11 28.10 22.98 7.87
C LEU B 11 28.50 21.73 8.65
N ASN B 12 29.29 20.88 8.01
CA ASN B 12 29.75 19.62 8.60
C ASN B 12 30.64 19.84 9.82
N GLN B 13 31.31 20.98 9.85
CA GLN B 13 32.31 21.25 10.86
C GLN B 13 31.82 22.12 12.02
N GLN B 14 30.81 22.95 11.75
CA GLN B 14 30.39 23.94 12.72
C GLN B 14 28.98 23.74 13.30
N TYR B 15 28.22 22.82 12.71
CA TYR B 15 26.87 22.56 13.18
C TYR B 15 26.60 21.07 13.42
N VAL B 16 25.47 20.78 14.06
CA VAL B 16 24.99 19.42 14.24
C VAL B 16 24.00 19.16 13.10
N VAL B 17 24.49 18.42 12.11
CA VAL B 17 23.74 18.13 10.89
C VAL B 17 23.81 16.62 10.61
N PRO B 18 22.85 16.10 9.81
CA PRO B 18 22.91 14.74 9.27
C PRO B 18 24.26 14.43 8.62
N GLU B 19 24.62 13.16 8.52
CA GLU B 19 25.93 12.84 7.94
C GLU B 19 25.85 12.66 6.43
N GLY B 20 26.93 13.01 5.74
CA GLY B 20 27.08 12.78 4.31
C GLY B 20 26.38 13.79 3.42
N LEU B 21 26.22 15.03 3.91
CA LEU B 21 25.53 16.05 3.14
C LEU B 21 26.38 16.44 1.96
N GLN B 22 25.80 16.32 0.77
CA GLN B 22 26.51 16.70 -0.45
C GLN B 22 25.82 17.92 -1.05
N PRO B 23 26.57 18.78 -1.78
CA PRO B 23 25.98 19.97 -2.38
C PRO B 23 25.27 19.66 -3.70
N TYR B 24 24.19 20.39 -3.96
CA TYR B 24 23.42 20.30 -5.19
C TYR B 24 24.27 20.29 -6.48
N GLN B 25 23.93 19.40 -7.41
CA GLN B 25 24.64 19.39 -8.68
C GLN B 25 23.81 19.08 -9.90
N GLY B 26 22.63 19.68 -10.00
CA GLY B 26 21.78 19.48 -11.16
C GLY B 26 20.49 18.73 -10.88
N VAL B 27 19.46 19.08 -11.66
CA VAL B 27 18.11 18.53 -11.58
C VAL B 27 18.03 17.04 -11.94
N THR B 28 18.91 16.59 -12.83
CA THR B 28 18.85 15.24 -13.32
C THR B 28 20.07 14.42 -12.87
N ALA B 29 20.93 15.02 -12.04
CA ALA B 29 22.06 14.28 -11.45
C ALA B 29 21.65 12.87 -10.98
N ASN B 30 20.60 12.78 -10.16
CA ASN B 30 20.11 11.47 -9.69
C ASN B 30 18.80 11.00 -10.30
N SER B 31 18.34 11.70 -11.33
CA SER B 31 17.14 11.32 -12.07
C SER B 31 17.35 11.54 -13.57
N PRO B 32 18.25 10.75 -14.18
CA PRO B 32 18.62 10.89 -15.59
C PRO B 32 17.44 10.75 -16.58
N TRP B 33 16.44 9.94 -16.25
CA TRP B 33 15.25 9.79 -17.11
C TRP B 33 14.50 11.10 -17.34
N LEU B 34 14.72 12.08 -16.47
CA LEU B 34 14.11 13.40 -16.59
C LEU B 34 14.67 14.24 -17.74
N ALA B 35 15.81 13.80 -18.31
CA ALA B 35 16.45 14.46 -19.46
C ALA B 35 15.71 14.17 -20.76
N SER B 36 14.72 13.29 -20.69
CA SER B 36 13.95 12.90 -21.86
C SER B 36 12.47 12.90 -21.47
N GLU B 37 11.66 13.72 -22.13
CA GLU B 37 10.28 13.77 -21.71
C GLU B 37 9.48 12.50 -22.07
N THR B 38 9.90 11.80 -23.10
CA THR B 38 9.34 10.51 -23.48
C THR B 38 9.73 9.37 -22.51
N GLU B 39 10.98 9.40 -22.03
CA GLU B 39 11.52 8.39 -21.11
C GLU B 39 10.91 8.44 -19.70
N LYS B 40 10.74 9.62 -19.14
CA LYS B 40 10.10 9.73 -17.84
C LYS B 40 8.64 9.15 -17.78
N ARG B 41 8.00 8.96 -18.93
CA ARG B 41 6.73 8.22 -19.01
C ARG B 41 6.87 6.72 -19.37
N ARG B 42 7.98 6.35 -20.03
CA ARG B 42 8.13 5.04 -20.70
C ARG B 42 9.34 4.19 -20.29
N ARG B 43 10.16 4.71 -19.39
CA ARG B 43 11.35 3.98 -18.90
C ARG B 43 11.13 2.50 -18.52
N LYS B 44 9.95 2.14 -18.03
CA LYS B 44 9.67 0.77 -17.52
C LYS B 44 9.27 -0.27 -18.55
N ILE B 45 8.84 0.17 -19.73
CA ILE B 45 8.38 -0.72 -20.81
C ILE B 45 9.50 -1.54 -21.41
N CYS B 46 9.26 -2.83 -21.53
CA CYS B 46 10.18 -3.76 -22.14
C CYS B 46 9.54 -4.34 -23.38
N ASP B 47 10.37 -4.47 -24.41
CA ASP B 47 9.90 -4.94 -25.69
C ASP B 47 9.89 -6.49 -25.77
N SER B 48 10.54 -7.15 -24.82
CA SER B 48 10.46 -8.63 -24.69
C SER B 48 10.69 -9.15 -23.26
N LEU B 49 10.36 -10.42 -23.05
CA LEU B 49 10.66 -11.09 -21.79
C LEU B 49 12.16 -11.20 -21.50
N GLU B 50 12.97 -11.44 -22.53
CA GLU B 50 14.44 -11.44 -22.39
C GLU B 50 14.95 -10.11 -21.87
N GLU B 51 14.38 -9.03 -22.39
CA GLU B 51 14.83 -7.70 -22.02
C GLU B 51 14.54 -7.44 -20.54
N ALA B 52 13.33 -7.79 -20.12
CA ALA B 52 12.90 -7.66 -18.73
C ALA B 52 13.77 -8.46 -17.77
N ILE B 53 14.24 -9.64 -18.20
CA ILE B 53 15.13 -10.49 -17.38
C ILE B 53 16.54 -9.91 -17.33
N ARG B 54 17.01 -9.36 -18.44
CA ARG B 54 18.30 -8.60 -18.46
C ARG B 54 18.26 -7.43 -17.49
N ARG B 55 17.30 -6.52 -17.70
CA ARG B 55 17.17 -5.31 -16.89
C ARG B 55 16.93 -5.61 -15.41
N SER B 56 16.19 -6.69 -15.10
CA SER B 56 15.91 -7.08 -13.71
C SER B 56 17.18 -7.36 -12.87
N GLY B 57 18.30 -7.53 -13.57
CA GLY B 57 19.58 -7.84 -12.93
C GLY B 57 19.67 -9.20 -12.27
N LEU B 58 18.85 -10.16 -12.73
CA LEU B 58 18.76 -11.50 -12.14
C LEU B 58 20.03 -12.32 -12.40
N LYS B 59 20.51 -12.98 -11.35
CA LYS B 59 21.71 -13.80 -11.40
C LYS B 59 21.33 -15.20 -10.95
N ASN B 60 22.22 -16.16 -11.19
CA ASN B 60 22.11 -17.49 -10.60
C ASN B 60 22.08 -17.42 -9.08
N GLY B 61 21.29 -18.29 -8.47
CA GLY B 61 21.23 -18.41 -7.00
C GLY B 61 20.26 -17.45 -6.34
N MSE B 62 19.48 -16.75 -7.16
CA MSE B 62 18.54 -15.76 -6.69
C MSE B 62 17.12 -16.33 -6.62
O MSE B 62 16.81 -17.37 -7.22
CB MSE B 62 18.57 -14.52 -7.60
CG MSE B 62 19.66 -13.51 -7.27
SE MSE B 62 19.47 -11.79 -8.26
CE MSE B 62 20.81 -10.71 -7.25
N THR B 63 16.27 -15.62 -5.89
CA THR B 63 14.90 -16.03 -5.63
C THR B 63 13.97 -15.26 -6.55
N ILE B 64 13.04 -15.99 -7.18
CA ILE B 64 12.03 -15.42 -8.08
C ILE B 64 10.63 -15.80 -7.57
N SER B 65 9.62 -15.00 -7.92
CA SER B 65 8.27 -15.22 -7.42
C SER B 65 7.19 -14.97 -8.46
N PHE B 66 6.03 -15.55 -8.18
CA PHE B 66 4.89 -15.59 -9.06
C PHE B 66 3.68 -15.67 -8.14
N HIS B 67 2.52 -15.24 -8.58
CA HIS B 67 1.33 -15.39 -7.75
C HIS B 67 0.45 -16.43 -8.44
N HIS B 68 -0.57 -16.92 -7.74
CA HIS B 68 -1.37 -18.00 -8.29
C HIS B 68 -2.83 -17.67 -8.58
N ALA B 69 -3.15 -16.41 -8.89
CA ALA B 69 -4.56 -15.99 -9.07
C ALA B 69 -5.23 -16.47 -10.36
N PHE B 70 -4.44 -16.99 -11.29
CA PHE B 70 -4.98 -17.57 -12.51
C PHE B 70 -5.27 -19.05 -12.38
N ARG B 71 -5.12 -19.56 -11.16
CA ARG B 71 -5.52 -20.93 -10.82
C ARG B 71 -4.91 -21.98 -11.78
N GLY B 72 -5.72 -22.96 -12.20
CA GLY B 72 -5.26 -24.01 -13.09
C GLY B 72 -4.84 -23.56 -14.48
N GLY B 73 -5.28 -22.35 -14.86
CA GLY B 73 -4.98 -21.79 -16.17
C GLY B 73 -3.72 -20.94 -16.26
N ASP B 74 -2.97 -20.87 -15.17
CA ASP B 74 -1.71 -20.11 -15.17
C ASP B 74 -0.77 -20.44 -16.32
N LYS B 75 -0.16 -19.39 -16.88
CA LYS B 75 0.75 -19.49 -18.02
C LYS B 75 2.08 -18.79 -17.75
N VAL B 76 2.13 -18.01 -16.66
CA VAL B 76 3.30 -17.19 -16.35
C VAL B 76 4.50 -18.02 -15.90
N VAL B 77 4.32 -18.89 -14.91
CA VAL B 77 5.41 -19.73 -14.40
C VAL B 77 6.07 -20.51 -15.52
N ASN B 78 5.30 -21.23 -16.31
CA ASN B 78 5.86 -22.03 -17.39
C ASN B 78 6.60 -21.16 -18.40
N MSE B 79 5.94 -20.08 -18.79
CA MSE B 79 6.49 -19.12 -19.73
C MSE B 79 7.83 -18.54 -19.29
O MSE B 79 8.77 -18.46 -20.10
CB MSE B 79 5.50 -18.02 -19.91
CG MSE B 79 5.70 -17.19 -21.15
SE MSE B 79 4.75 -15.53 -20.82
CE MSE B 79 2.79 -16.24 -20.73
N VAL B 80 7.92 -18.12 -18.04
CA VAL B 80 9.13 -17.49 -17.53
C VAL B 80 10.21 -18.53 -17.34
N MSE B 81 9.82 -19.70 -16.82
CA MSE B 81 10.74 -20.81 -16.61
C MSE B 81 11.43 -21.27 -17.88
O MSE B 81 12.64 -21.48 -17.90
CB MSE B 81 10.04 -21.97 -15.89
CG MSE B 81 9.76 -21.72 -14.39
SE MSE B 81 11.38 -21.16 -13.39
CE MSE B 81 12.59 -22.71 -13.84
N ALA B 82 10.64 -21.41 -18.94
CA ALA B 82 11.14 -21.72 -20.29
C ALA B 82 12.24 -20.74 -20.68
N LYS B 83 11.94 -19.45 -20.60
CA LYS B 83 12.91 -18.39 -20.90
C LYS B 83 14.19 -18.41 -20.04
N LEU B 84 14.06 -18.64 -18.75
CA LEU B 84 15.21 -18.66 -17.84
C LEU B 84 16.14 -19.84 -18.11
N ALA B 85 15.56 -20.99 -18.45
CA ALA B 85 16.30 -22.21 -18.72
C ALA B 85 17.04 -22.09 -20.05
N GLU B 86 16.32 -21.54 -21.04
CA GLU B 86 16.84 -21.24 -22.37
C GLU B 86 17.99 -20.22 -22.34
N MSE B 87 17.99 -19.38 -21.30
CA MSE B 87 19.06 -18.41 -21.08
C MSE B 87 20.19 -18.93 -20.18
O MSE B 87 21.19 -18.24 -20.01
CB MSE B 87 18.51 -17.11 -20.50
CG MSE B 87 17.71 -16.29 -21.48
SE MSE B 87 16.74 -14.83 -20.58
CE MSE B 87 18.31 -13.56 -20.22
N GLY B 88 20.02 -20.11 -19.61
CA GLY B 88 21.09 -20.77 -18.85
C GLY B 88 21.24 -20.42 -17.38
N PHE B 89 20.14 -20.04 -16.73
CA PHE B 89 20.10 -19.76 -15.28
C PHE B 89 20.16 -21.04 -14.43
N ARG B 90 20.88 -20.97 -13.31
CA ARG B 90 21.07 -22.12 -12.41
C ARG B 90 20.75 -21.75 -10.98
N ASP B 91 20.40 -22.75 -10.17
CA ASP B 91 20.33 -22.65 -8.71
C ASP B 91 19.34 -21.60 -8.14
N LEU B 92 18.31 -21.31 -8.93
CA LEU B 92 17.30 -20.34 -8.52
C LEU B 92 16.46 -20.93 -7.39
N THR B 93 15.96 -20.07 -6.51
CA THR B 93 14.91 -20.43 -5.58
C THR B 93 13.59 -20.03 -6.23
N LEU B 94 12.64 -20.96 -6.26
CA LEU B 94 11.31 -20.70 -6.77
C LEU B 94 10.38 -20.44 -5.60
N ALA B 95 9.75 -19.27 -5.58
CA ALA B 95 8.84 -18.85 -4.52
C ALA B 95 7.52 -18.38 -5.10
N SER B 96 6.85 -19.28 -5.81
CA SER B 96 5.49 -19.09 -6.26
C SER B 96 4.60 -19.36 -5.05
N SER B 97 3.48 -18.68 -4.98
CA SER B 97 2.64 -18.79 -3.81
C SER B 97 1.89 -20.13 -3.76
N SER B 98 1.68 -20.76 -4.91
CA SER B 98 1.08 -22.10 -5.01
C SER B 98 1.35 -22.69 -6.39
N LEU B 99 1.63 -23.99 -6.43
CA LEU B 99 1.83 -24.68 -7.71
C LEU B 99 0.66 -25.64 -8.01
N ILE B 100 0.14 -25.54 -9.24
CA ILE B 100 -0.96 -26.34 -9.71
C ILE B 100 -0.39 -27.44 -10.58
N ASP B 101 -1.23 -28.35 -11.05
CA ASP B 101 -0.73 -29.48 -11.81
C ASP B 101 -0.23 -29.14 -13.20
N ALA B 102 -0.63 -27.98 -13.74
CA ALA B 102 -0.10 -27.56 -15.04
C ALA B 102 1.37 -27.10 -14.97
N HIS B 103 1.95 -27.05 -13.77
CA HIS B 103 3.36 -26.69 -13.60
C HIS B 103 4.29 -27.91 -13.67
N TRP B 104 3.82 -29.01 -14.25
CA TRP B 104 4.66 -30.20 -14.45
C TRP B 104 5.95 -29.95 -15.27
N PRO B 105 5.94 -28.96 -16.21
CA PRO B 105 7.19 -28.67 -16.92
C PRO B 105 8.33 -28.32 -15.99
N LEU B 106 8.00 -28.00 -14.74
CA LEU B 106 8.98 -27.73 -13.70
C LEU B 106 9.90 -28.89 -13.37
N ILE B 107 9.47 -30.12 -13.68
CA ILE B 107 10.26 -31.33 -13.38
C ILE B 107 11.57 -31.35 -14.19
N GLU B 108 11.46 -31.10 -15.50
CA GLU B 108 12.63 -31.01 -16.34
C GLU B 108 13.57 -29.90 -15.87
N HIS B 109 13.02 -28.71 -15.58
CA HIS B 109 13.83 -27.60 -15.06
C HIS B 109 14.59 -27.95 -13.78
N ILE B 110 13.96 -28.68 -12.87
CA ILE B 110 14.64 -29.09 -11.64
C ILE B 110 15.77 -30.11 -11.90
N LYS B 111 15.52 -31.07 -12.80
CA LYS B 111 16.52 -32.05 -13.17
C LYS B 111 17.71 -31.40 -13.88
N ASN B 112 17.43 -30.40 -14.71
CA ASN B 112 18.48 -29.65 -15.41
C ASN B 112 19.12 -28.57 -14.53
N GLY B 113 18.61 -28.45 -13.31
CA GLY B 113 19.21 -27.59 -12.28
C GLY B 113 18.88 -26.11 -12.36
N VAL B 114 17.86 -25.78 -13.13
CA VAL B 114 17.38 -24.38 -13.21
C VAL B 114 16.87 -23.89 -11.84
N VAL B 115 16.28 -24.81 -11.06
CA VAL B 115 15.68 -24.52 -9.76
C VAL B 115 16.24 -25.49 -8.71
N ARG B 116 16.77 -24.97 -7.59
CA ARG B 116 17.37 -25.87 -6.58
C ARG B 116 16.61 -25.89 -5.25
N GLN B 117 15.69 -24.93 -5.08
CA GLN B 117 14.88 -24.80 -3.87
C GLN B 117 13.47 -24.30 -4.21
N ILE B 118 12.45 -24.90 -3.59
CA ILE B 118 11.07 -24.44 -3.71
C ILE B 118 10.54 -24.00 -2.35
N TYR B 119 9.82 -22.87 -2.36
CA TYR B 119 8.91 -22.46 -1.28
C TYR B 119 7.51 -22.34 -1.87
N THR B 120 6.54 -23.00 -1.27
CA THR B 120 5.20 -23.02 -1.85
C THR B 120 4.13 -23.36 -0.81
N SER B 121 2.89 -23.04 -1.09
CA SER B 121 1.78 -23.49 -0.23
C SER B 121 1.16 -24.78 -0.78
N GLY B 122 1.04 -24.86 -2.10
CA GLY B 122 0.50 -26.04 -2.76
C GLY B 122 1.50 -26.75 -3.62
N LEU B 123 1.32 -28.07 -3.70
CA LEU B 123 2.04 -28.94 -4.60
C LEU B 123 1.08 -30.03 -5.02
N ARG B 124 0.69 -30.05 -6.29
CA ARG B 124 -0.16 -31.16 -6.77
C ARG B 124 0.22 -31.69 -8.15
N GLY B 125 -0.59 -32.60 -8.69
CA GLY B 125 -0.35 -33.17 -10.01
C GLY B 125 0.99 -33.85 -10.09
N LYS B 126 1.53 -33.95 -11.31
CA LYS B 126 2.77 -34.70 -11.53
C LYS B 126 3.93 -34.20 -10.70
N LEU B 127 4.04 -32.88 -10.55
CA LEU B 127 5.15 -32.30 -9.81
C LEU B 127 5.20 -32.79 -8.35
N GLY B 128 4.05 -32.82 -7.66
CA GLY B 128 3.94 -33.37 -6.31
C GLY B 128 4.44 -34.81 -6.21
N GLU B 129 4.04 -35.64 -7.18
CA GLU B 129 4.45 -37.05 -7.28
C GLU B 129 5.96 -37.24 -7.38
N GLU B 130 6.61 -36.41 -8.18
CA GLU B 130 8.04 -36.46 -8.41
C GLU B 130 8.81 -36.01 -7.19
N ILE B 131 8.33 -34.96 -6.53
CA ILE B 131 8.94 -34.52 -5.28
C ILE B 131 8.90 -35.67 -4.27
N SER B 132 7.73 -36.27 -4.06
CA SER B 132 7.56 -37.44 -3.17
C SER B 132 8.44 -38.63 -3.55
N ALA B 133 8.69 -38.81 -4.84
CA ALA B 133 9.61 -39.85 -5.31
C ALA B 133 11.08 -39.49 -5.04
N GLY B 134 11.36 -38.24 -4.71
CA GLY B 134 12.70 -37.80 -4.36
C GLY B 134 13.41 -37.05 -5.47
N LEU B 135 12.66 -36.30 -6.28
CA LEU B 135 13.19 -35.49 -7.37
C LEU B 135 14.36 -34.55 -6.99
N MSE B 136 14.28 -33.93 -5.80
CA MSE B 136 15.20 -32.88 -5.40
C MSE B 136 15.95 -33.21 -4.14
O MSE B 136 15.39 -33.79 -3.21
CB MSE B 136 14.44 -31.59 -5.09
CG MSE B 136 13.69 -30.98 -6.23
SE MSE B 136 12.81 -29.31 -5.65
CE MSE B 136 14.35 -28.09 -5.65
N GLU B 137 17.20 -32.76 -4.09
CA GLU B 137 18.05 -32.91 -2.92
C GLU B 137 17.54 -32.07 -1.73
N ASN B 138 17.09 -30.85 -2.02
CA ASN B 138 16.62 -29.91 -1.01
C ASN B 138 15.12 -30.09 -0.74
N PRO B 139 14.74 -30.26 0.55
CA PRO B 139 13.31 -30.42 0.86
C PRO B 139 12.52 -29.14 0.57
N VAL B 140 11.41 -29.28 -0.15
CA VAL B 140 10.49 -28.17 -0.43
C VAL B 140 10.06 -27.56 0.92
N GLN B 141 9.96 -26.23 0.99
CA GLN B 141 9.39 -25.57 2.18
C GLN B 141 7.90 -25.26 1.99
N ILE B 142 7.05 -25.91 2.80
CA ILE B 142 5.60 -25.69 2.68
C ILE B 142 5.11 -24.73 3.74
N HIS B 143 4.46 -23.67 3.29
CA HIS B 143 4.01 -22.60 4.17
C HIS B 143 2.52 -22.37 3.99
N SER B 144 1.86 -21.81 4.99
CA SER B 144 0.48 -21.36 4.83
C SER B 144 0.49 -20.12 3.97
N HIS B 145 -0.68 -19.62 3.58
CA HIS B 145 -0.73 -18.33 2.88
C HIS B 145 -0.15 -17.15 3.65
N GLY B 146 -0.58 -16.97 4.90
CA GLY B 146 0.05 -15.99 5.81
C GLY B 146 1.46 -16.32 6.25
N GLY B 147 1.80 -17.61 6.27
CA GLY B 147 3.15 -18.05 6.63
C GLY B 147 4.20 -17.49 5.70
N ARG B 148 3.93 -17.54 4.41
CA ARG B 148 4.73 -16.93 3.36
C ARG B 148 5.04 -15.46 3.62
N VAL B 149 4.03 -14.67 3.97
CA VAL B 149 4.28 -13.25 4.17
C VAL B 149 5.29 -13.07 5.29
N LYS B 150 5.08 -13.76 6.40
CA LYS B 150 5.97 -13.71 7.53
C LYS B 150 7.39 -14.17 7.18
N LEU B 151 7.52 -15.20 6.34
CA LEU B 151 8.83 -15.61 5.85
C LEU B 151 9.53 -14.53 5.03
N ILE B 152 8.75 -13.82 4.22
CA ILE B 152 9.27 -12.70 3.42
C ILE B 152 9.65 -11.53 4.33
N GLN B 153 8.81 -11.28 5.34
CA GLN B 153 9.04 -10.18 6.28
C GLN B 153 10.22 -10.50 7.18
N SER B 154 10.38 -11.76 7.55
CA SER B 154 11.46 -12.15 8.44
C SER B 154 12.84 -12.08 7.74
N GLY B 155 12.82 -11.99 6.41
CA GLY B 155 14.05 -11.99 5.65
C GLY B 155 14.58 -13.36 5.34
N GLU B 156 13.87 -14.41 5.74
CA GLU B 156 14.25 -15.78 5.37
C GLU B 156 14.06 -15.99 3.87
N LEU B 157 12.95 -15.44 3.37
CA LEU B 157 12.58 -15.58 1.97
C LEU B 157 12.63 -14.19 1.33
N ASN B 158 13.68 -13.96 0.56
CA ASN B 158 13.96 -12.66 -0.04
C ASN B 158 13.79 -12.72 -1.54
N ILE B 159 12.69 -12.15 -2.04
CA ILE B 159 12.43 -12.17 -3.46
C ILE B 159 13.27 -11.12 -4.19
N ASP B 160 14.12 -11.60 -5.07
CA ASP B 160 14.93 -10.74 -5.90
C ASP B 160 14.12 -10.16 -7.05
N VAL B 161 13.37 -11.01 -7.76
CA VAL B 161 12.58 -10.57 -8.89
C VAL B 161 11.20 -11.22 -8.83
N ALA B 162 10.16 -10.40 -8.92
CA ALA B 162 8.78 -10.88 -8.90
C ALA B 162 8.20 -10.85 -10.29
N PHE B 163 7.77 -12.01 -10.79
CA PHE B 163 7.14 -12.12 -12.10
C PHE B 163 5.60 -12.13 -12.02
N LEU B 164 5.00 -10.95 -12.10
CA LEU B 164 3.59 -10.90 -11.75
C LEU B 164 2.68 -10.72 -12.96
N GLY B 165 2.03 -11.81 -13.35
CA GLY B 165 1.06 -11.77 -14.42
C GLY B 165 -0.10 -10.89 -14.02
N VAL B 166 -0.51 -10.00 -14.94
CA VAL B 166 -1.72 -9.19 -14.78
C VAL B 166 -2.43 -9.13 -16.14
N PRO B 167 -3.78 -9.05 -16.16
CA PRO B 167 -4.55 -8.85 -17.41
C PRO B 167 -4.50 -7.47 -18.06
N CYS B 168 -4.29 -6.40 -17.31
CA CYS B 168 -4.18 -5.05 -17.87
C CYS B 168 -3.37 -4.18 -16.95
N CYS B 169 -2.67 -3.20 -17.54
CA CYS B 169 -2.02 -2.13 -16.78
C CYS B 169 -1.58 -0.94 -17.65
N ASP B 170 -1.42 0.22 -17.02
CA ASP B 170 -0.91 1.40 -17.72
C ASP B 170 0.62 1.33 -17.83
N GLU B 171 1.21 2.24 -18.60
CA GLU B 171 2.66 2.24 -18.84
C GLU B 171 3.50 2.44 -17.57
N PHE B 172 2.89 2.95 -16.50
CA PHE B 172 3.58 3.25 -15.24
C PHE B 172 3.54 2.10 -14.21
N GLY B 173 2.68 1.11 -14.43
CA GLY B 173 2.65 -0.07 -13.58
C GLY B 173 1.39 -0.23 -12.74
N ASN B 174 0.37 0.60 -13.00
CA ASN B 174 -0.90 0.48 -12.32
C ASN B 174 -1.70 -0.63 -12.97
N ALA B 175 -1.84 -1.75 -12.27
CA ALA B 175 -2.45 -2.94 -12.82
C ALA B 175 -3.63 -3.38 -11.98
N ASN B 176 -4.66 -3.93 -12.62
CA ASN B 176 -5.69 -4.62 -11.87
C ASN B 176 -6.16 -5.89 -12.60
N GLY B 177 -6.97 -6.72 -11.93
CA GLY B 177 -7.52 -7.92 -12.57
C GLY B 177 -8.92 -7.78 -13.15
N PHE B 178 -9.31 -6.57 -13.55
CA PHE B 178 -10.68 -6.31 -14.04
C PHE B 178 -10.79 -5.97 -15.52
N SER B 179 -9.67 -5.77 -16.21
CA SER B 179 -9.69 -5.60 -17.67
C SER B 179 -8.63 -6.48 -18.30
N GLY B 180 -8.61 -6.50 -19.62
CA GLY B 180 -7.76 -7.41 -20.39
C GLY B 180 -8.57 -8.67 -20.59
N LYS B 181 -7.90 -9.81 -20.67
CA LYS B 181 -8.61 -11.08 -20.93
C LYS B 181 -8.81 -11.98 -19.69
N SER B 182 -7.70 -12.31 -19.02
CA SER B 182 -7.68 -13.14 -17.83
C SER B 182 -8.05 -12.33 -16.60
N ARG B 183 -9.28 -11.83 -16.60
CA ARG B 183 -9.80 -11.03 -15.53
C ARG B 183 -10.05 -11.90 -14.30
N CYS B 184 -8.96 -12.15 -13.57
CA CYS B 184 -8.97 -13.01 -12.38
C CYS B 184 -9.65 -12.36 -11.18
N GLY B 185 -9.78 -11.04 -11.21
CA GLY B 185 -10.35 -10.33 -10.08
C GLY B 185 -9.28 -9.96 -9.07
N SER B 186 -9.44 -10.40 -7.82
CA SER B 186 -8.56 -9.94 -6.75
C SER B 186 -7.11 -10.39 -6.96
N LEU B 187 -6.18 -9.45 -6.78
CA LEU B 187 -4.75 -9.72 -6.88
C LEU B 187 -4.03 -9.69 -5.52
N GLY B 188 -4.75 -10.15 -4.50
CA GLY B 188 -4.27 -10.16 -3.14
C GLY B 188 -2.89 -10.73 -2.88
N TYR B 189 -2.53 -11.83 -3.54
CA TYR B 189 -1.22 -12.48 -3.30
C TYR B 189 -0.09 -11.73 -3.97
N ALA B 190 -0.35 -11.18 -5.15
CA ALA B 190 0.63 -10.36 -5.88
C ALA B 190 1.03 -9.09 -5.10
N GLN B 191 0.10 -8.58 -4.28
CA GLN B 191 0.30 -7.34 -3.53
C GLN B 191 1.41 -7.48 -2.49
N VAL B 192 1.72 -8.70 -2.09
CA VAL B 192 2.75 -8.95 -1.11
C VAL B 192 4.11 -8.94 -1.81
N ASP B 193 4.16 -9.52 -3.00
CA ASP B 193 5.37 -9.55 -3.81
C ASP B 193 5.70 -8.13 -4.25
N ALA B 194 4.67 -7.41 -4.68
CA ALA B 194 4.77 -6.00 -5.10
C ALA B 194 5.40 -5.09 -4.04
N GLN B 195 5.04 -5.29 -2.78
CA GLN B 195 5.60 -4.55 -1.67
C GLN B 195 7.00 -4.97 -1.27
N TYR B 196 7.33 -6.24 -1.44
CA TYR B 196 8.52 -6.79 -0.77
C TYR B 196 9.69 -7.22 -1.66
N ALA B 197 9.42 -7.48 -2.93
CA ALA B 197 10.46 -7.89 -3.88
C ALA B 197 11.43 -6.76 -4.19
N LYS B 198 12.72 -7.08 -4.32
CA LYS B 198 13.72 -6.09 -4.72
C LYS B 198 13.39 -5.54 -6.09
N CYS B 199 12.97 -6.42 -7.00
CA CYS B 199 12.61 -5.99 -8.37
C CYS B 199 11.27 -6.60 -8.83
N VAL B 200 10.38 -5.76 -9.34
CA VAL B 200 9.00 -6.20 -9.67
C VAL B 200 8.76 -6.06 -11.17
N VAL B 201 8.51 -7.20 -11.81
CA VAL B 201 8.27 -7.26 -13.27
C VAL B 201 6.82 -7.63 -13.50
N LEU B 202 6.09 -6.79 -14.24
CA LEU B 202 4.70 -7.08 -14.57
C LEU B 202 4.62 -7.64 -15.98
N LEU B 203 3.82 -8.67 -16.15
CA LEU B 203 3.61 -9.29 -17.43
C LEU B 203 2.15 -9.08 -17.68
N THR B 204 1.88 -8.10 -18.52
CA THR B 204 0.52 -7.69 -18.79
C THR B 204 0.09 -8.23 -20.13
N GLU B 205 -1.21 -8.33 -20.35
CA GLU B 205 -1.67 -8.75 -21.65
C GLU B 205 -2.35 -7.62 -22.39
N GLU B 206 -2.64 -6.54 -21.66
CA GLU B 206 -3.28 -5.38 -22.25
C GLU B 206 -2.77 -4.09 -21.62
N TRP B 207 -2.44 -3.13 -22.48
CA TRP B 207 -2.13 -1.77 -22.07
C TRP B 207 -3.40 -0.94 -21.95
N VAL B 208 -3.43 -0.10 -20.92
CA VAL B 208 -4.52 0.84 -20.71
C VAL B 208 -3.91 2.24 -20.51
N GLU B 209 -4.73 3.26 -20.73
CA GLU B 209 -4.30 4.62 -20.54
C GLU B 209 -4.09 5.00 -19.05
N PHE B 210 -3.04 5.78 -18.78
CA PHE B 210 -2.71 6.27 -17.46
C PHE B 210 -3.71 7.32 -17.00
N PRO B 211 -4.20 7.23 -15.74
CA PRO B 211 -3.95 6.16 -14.75
C PRO B 211 -5.01 5.05 -14.72
N ASN B 212 -4.54 3.80 -14.70
CA ASN B 212 -5.41 2.66 -14.51
C ASN B 212 -5.98 2.71 -13.10
N TYR B 213 -7.32 2.74 -13.02
CA TYR B 213 -8.01 2.65 -11.73
C TYR B 213 -8.96 1.45 -11.70
N PRO B 214 -8.94 0.66 -10.60
CA PRO B 214 -8.06 0.73 -9.44
C PRO B 214 -6.66 0.15 -9.67
N ALA B 215 -5.72 0.57 -8.86
CA ALA B 215 -4.35 0.14 -8.98
C ALA B 215 -4.08 -0.88 -7.88
N SER B 216 -4.37 -2.15 -8.15
CA SER B 216 -4.26 -3.19 -7.15
C SER B 216 -2.79 -3.37 -6.90
N ILE B 217 -2.04 -3.33 -8.00
CA ILE B 217 -0.62 -3.08 -7.97
C ILE B 217 -0.44 -1.64 -8.44
N ALA B 218 0.34 -0.87 -7.68
CA ALA B 218 0.50 0.56 -7.88
C ALA B 218 1.80 0.91 -8.61
N GLN B 219 1.79 2.05 -9.28
CA GLN B 219 2.90 2.50 -10.09
C GLN B 219 4.23 2.61 -9.32
N ASP B 220 4.18 2.88 -8.01
CA ASP B 220 5.39 3.04 -7.20
C ASP B 220 5.87 1.71 -6.68
N GLN B 221 5.33 0.62 -7.21
CA GLN B 221 5.76 -0.72 -6.83
C GLN B 221 6.41 -1.50 -7.99
N VAL B 222 6.30 -0.95 -9.20
CA VAL B 222 6.70 -1.63 -10.44
C VAL B 222 7.98 -1.05 -11.00
N ASP B 223 8.94 -1.93 -11.30
CA ASP B 223 10.14 -1.60 -12.05
C ASP B 223 10.03 -1.82 -13.57
N LEU B 224 9.53 -2.99 -13.99
CA LEU B 224 9.53 -3.35 -15.42
C LEU B 224 8.18 -3.89 -15.86
N ILE B 225 7.82 -3.67 -17.12
CA ILE B 225 6.59 -4.23 -17.68
C ILE B 225 6.80 -4.74 -19.11
N VAL B 226 6.33 -5.95 -19.36
CA VAL B 226 6.33 -6.54 -20.71
C VAL B 226 4.90 -7.04 -21.04
N GLN B 227 4.47 -6.86 -22.29
CA GLN B 227 3.19 -7.40 -22.76
C GLN B 227 3.32 -8.84 -23.27
N VAL B 228 2.41 -9.71 -22.84
CA VAL B 228 2.36 -11.08 -23.28
C VAL B 228 0.98 -11.41 -23.93
N ASP B 229 0.89 -12.57 -24.58
CA ASP B 229 -0.37 -12.99 -25.21
C ASP B 229 -1.44 -13.33 -24.16
N GLU B 230 -1.07 -14.18 -23.21
CA GLU B 230 -1.99 -14.62 -22.17
C GLU B 230 -1.27 -14.91 -20.89
N VAL B 231 -1.89 -14.54 -19.76
CA VAL B 231 -1.34 -14.91 -18.45
C VAL B 231 -2.13 -16.03 -17.78
N GLY B 232 -3.40 -16.19 -18.16
CA GLY B 232 -4.22 -17.24 -17.61
C GLY B 232 -5.02 -17.88 -18.73
N ASP B 233 -6.10 -18.54 -18.38
CA ASP B 233 -7.03 -19.08 -19.38
C ASP B 233 -8.30 -18.21 -19.39
N PRO B 234 -8.40 -17.23 -20.31
CA PRO B 234 -9.48 -16.24 -20.30
C PRO B 234 -10.92 -16.79 -20.21
N GLU B 235 -11.27 -17.74 -21.08
CA GLU B 235 -12.64 -18.33 -21.10
C GLU B 235 -13.06 -18.93 -19.74
N LYS B 236 -12.13 -19.63 -19.08
CA LYS B 236 -12.39 -20.35 -17.85
C LYS B 236 -12.32 -19.45 -16.61
N ILE B 237 -11.31 -18.57 -16.58
CA ILE B 237 -11.14 -17.58 -15.53
C ILE B 237 -12.40 -16.73 -15.35
N THR B 238 -12.97 -16.29 -16.47
CA THR B 238 -14.09 -15.35 -16.44
C THR B 238 -15.47 -16.02 -16.33
N ALA B 239 -15.50 -17.35 -16.43
CA ALA B 239 -16.72 -18.14 -16.26
C ALA B 239 -17.33 -17.93 -14.89
N GLY B 240 -18.66 -17.89 -14.84
CA GLY B 240 -19.39 -17.68 -13.58
C GLY B 240 -19.23 -18.79 -12.54
N ALA B 241 -19.87 -18.60 -11.39
CA ALA B 241 -19.84 -19.55 -10.29
C ALA B 241 -20.46 -20.88 -10.70
N ILE B 242 -19.78 -21.96 -10.31
CA ILE B 242 -20.33 -23.32 -10.37
C ILE B 242 -21.39 -23.42 -9.26
N ARG B 243 -22.59 -23.87 -9.64
CA ARG B 243 -23.74 -23.99 -8.72
C ARG B 243 -23.50 -25.00 -7.58
N LEU B 244 -24.32 -24.93 -6.53
CA LEU B 244 -24.12 -25.78 -5.33
C LEU B 244 -24.26 -27.28 -5.60
N SER B 245 -23.87 -28.08 -4.62
CA SER B 245 -23.90 -29.54 -4.72
C SER B 245 -25.31 -30.09 -4.97
N SER B 246 -25.37 -31.20 -5.68
CA SER B 246 -26.60 -31.97 -5.80
C SER B 246 -26.46 -33.27 -5.00
N ASN B 247 -25.25 -33.50 -4.47
CA ASN B 247 -24.99 -34.67 -3.65
C ASN B 247 -25.66 -34.59 -2.27
N PRO B 248 -26.62 -35.50 -1.99
CA PRO B 248 -27.36 -35.40 -0.72
C PRO B 248 -26.51 -35.68 0.54
N ARG B 249 -25.41 -36.40 0.37
CA ARG B 249 -24.48 -36.62 1.48
C ARG B 249 -23.86 -35.31 1.89
N GLU B 250 -23.37 -34.56 0.90
CA GLU B 250 -22.76 -33.26 1.14
C GLU B 250 -23.79 -32.29 1.65
N LEU B 251 -24.99 -32.32 1.07
CA LEU B 251 -26.11 -31.51 1.56
C LEU B 251 -26.49 -31.85 3.02
N LEU B 252 -26.46 -33.13 3.38
CA LEU B 252 -26.65 -33.54 4.76
C LEU B 252 -25.59 -32.89 5.65
N ILE B 253 -24.32 -33.01 5.28
CA ILE B 253 -23.22 -32.42 6.02
C ILE B 253 -23.41 -30.88 6.15
N ALA B 254 -23.88 -30.24 5.08
CA ALA B 254 -24.11 -28.80 5.04
C ALA B 254 -25.21 -28.37 6.00
N ARG B 255 -26.35 -29.07 6.00
CA ARG B 255 -27.47 -28.80 6.92
C ARG B 255 -27.04 -28.85 8.36
N GLN B 256 -26.20 -29.85 8.67
CA GLN B 256 -25.76 -30.12 10.04
C GLN B 256 -24.75 -29.08 10.49
N ALA B 257 -23.82 -28.74 9.60
CA ALA B 257 -22.88 -27.63 9.86
C ALA B 257 -23.61 -26.29 10.12
N ALA B 258 -24.74 -26.07 9.43
CA ALA B 258 -25.55 -24.86 9.65
C ALA B 258 -26.23 -24.83 11.02
N ASN B 259 -26.61 -26.01 11.53
CA ASN B 259 -27.19 -26.18 12.88
C ASN B 259 -26.15 -25.99 13.95
N VAL B 260 -24.95 -26.51 13.72
CA VAL B 260 -23.84 -26.29 14.64
C VAL B 260 -23.55 -24.78 14.81
N ILE B 261 -23.37 -24.06 13.70
CA ILE B 261 -23.26 -22.60 13.69
C ILE B 261 -24.48 -21.95 14.40
N GLU B 262 -25.70 -22.31 14.02
CA GLU B 262 -26.88 -21.69 14.65
C GLU B 262 -26.85 -21.72 16.18
N HIS B 263 -26.43 -22.85 16.74
CA HIS B 263 -26.48 -23.10 18.18
C HIS B 263 -25.12 -23.00 18.90
N SER B 264 -24.09 -22.55 18.21
CA SER B 264 -22.74 -22.41 18.79
C SER B 264 -22.59 -21.30 19.83
N GLY B 265 -23.42 -20.26 19.71
CA GLY B 265 -23.31 -19.06 20.53
C GLY B 265 -22.72 -17.90 19.76
N TYR B 266 -22.47 -18.13 18.47
CA TYR B 266 -21.73 -17.16 17.64
C TYR B 266 -22.62 -16.60 16.56
N PHE B 267 -23.79 -17.19 16.41
CA PHE B 267 -24.76 -16.81 15.38
C PHE B 267 -25.62 -15.65 15.86
N CYS B 268 -25.02 -14.46 15.81
CA CYS B 268 -25.64 -13.21 16.25
C CYS B 268 -25.52 -12.20 15.13
N ASP B 269 -26.40 -11.20 15.13
CA ASP B 269 -26.28 -10.06 14.22
C ASP B 269 -24.81 -9.57 14.19
N GLY B 270 -24.25 -9.49 12.98
CA GLY B 270 -22.96 -8.89 12.79
C GLY B 270 -21.82 -9.85 12.91
N PHE B 271 -22.13 -11.14 12.89
CA PHE B 271 -21.12 -12.18 12.85
C PHE B 271 -20.35 -12.14 11.51
N SER B 272 -19.08 -12.56 11.53
CA SER B 272 -18.32 -12.68 10.31
C SER B 272 -18.11 -14.13 9.99
N LEU B 273 -17.86 -14.45 8.71
CA LEU B 273 -17.67 -15.83 8.29
C LEU B 273 -16.84 -15.93 7.03
N GLN B 274 -16.26 -17.11 6.86
CA GLN B 274 -15.59 -17.51 5.64
C GLN B 274 -16.06 -18.92 5.29
N THR B 275 -16.69 -19.08 4.13
CA THR B 275 -17.11 -20.40 3.65
C THR B 275 -16.15 -20.98 2.61
N GLY B 276 -16.41 -22.19 2.14
CA GLY B 276 -15.46 -22.88 1.25
C GLY B 276 -15.73 -22.74 -0.24
N THR B 277 -14.85 -23.32 -1.04
CA THR B 277 -15.02 -23.23 -2.49
C THR B 277 -15.58 -24.52 -3.11
N GLY B 278 -16.47 -25.22 -2.42
CA GLY B 278 -16.98 -26.50 -2.91
C GLY B 278 -17.50 -27.39 -1.80
N GLY B 279 -18.15 -28.49 -2.18
CA GLY B 279 -18.64 -29.47 -1.23
C GLY B 279 -19.56 -28.88 -0.17
N ALA B 280 -19.47 -29.43 1.04
CA ALA B 280 -20.34 -28.99 2.11
C ALA B 280 -19.93 -27.61 2.59
N SER B 281 -18.63 -27.34 2.57
CA SER B 281 -18.16 -26.04 3.07
C SER B 281 -18.66 -24.89 2.20
N LEU B 282 -18.86 -25.12 0.89
CA LEU B 282 -19.64 -24.17 0.06
C LEU B 282 -21.13 -24.19 0.37
N ALA B 283 -21.74 -25.37 0.28
CA ALA B 283 -23.18 -25.56 0.38
C ALA B 283 -23.82 -25.20 1.73
N VAL B 284 -23.01 -25.05 2.77
CA VAL B 284 -23.48 -24.56 4.08
C VAL B 284 -24.24 -23.23 3.96
N THR B 285 -23.76 -22.32 3.10
CA THR B 285 -24.36 -20.98 2.89
C THR B 285 -25.86 -21.03 2.65
N ARG B 286 -26.30 -22.02 1.87
CA ARG B 286 -27.69 -22.22 1.50
C ARG B 286 -28.62 -22.39 2.71
N PHE B 287 -28.13 -23.08 3.72
CA PHE B 287 -28.90 -23.29 4.94
C PHE B 287 -28.64 -22.19 5.97
N LEU B 288 -27.50 -21.50 5.86
CA LEU B 288 -27.23 -20.34 6.70
C LEU B 288 -28.16 -19.19 6.31
N GLU B 289 -28.31 -18.97 5.00
CA GLU B 289 -29.17 -17.92 4.48
C GLU B 289 -30.58 -17.96 5.07
N ASP B 290 -31.24 -19.11 5.01
CA ASP B 290 -32.59 -19.22 5.54
C ASP B 290 -32.68 -18.98 7.07
N LYS B 291 -31.71 -19.53 7.80
CA LYS B 291 -31.54 -19.25 9.22
C LYS B 291 -31.34 -17.76 9.50
N MSE B 292 -30.55 -17.08 8.68
CA MSE B 292 -30.30 -15.64 8.83
C MSE B 292 -31.55 -14.83 8.61
O MSE B 292 -31.82 -13.90 9.36
CB MSE B 292 -29.23 -15.18 7.85
CG MSE B 292 -27.84 -15.46 8.35
SE MSE B 292 -26.54 -15.28 6.92
CE MSE B 292 -26.11 -13.40 7.13
N ARG B 293 -32.32 -15.19 7.58
CA ARG B 293 -33.60 -14.58 7.27
C ARG B 293 -34.65 -14.86 8.33
N ARG B 294 -34.56 -16.04 8.94
CA ARG B 294 -35.47 -16.45 10.02
C ARG B 294 -35.30 -15.54 11.22
N HIS B 295 -34.06 -15.44 11.71
CA HIS B 295 -33.70 -14.49 12.76
C HIS B 295 -33.64 -13.14 12.04
N ASN B 296 -33.57 -12.03 12.75
CA ASN B 296 -33.27 -10.79 12.02
C ASN B 296 -31.76 -10.55 11.98
N ILE B 297 -31.05 -11.52 11.41
CA ILE B 297 -29.60 -11.53 11.42
C ILE B 297 -29.04 -11.20 10.03
N THR B 298 -27.97 -10.43 10.02
CA THR B 298 -27.13 -10.21 8.83
C THR B 298 -25.67 -10.26 9.33
N ALA B 299 -24.74 -10.63 8.45
CA ALA B 299 -23.33 -10.76 8.82
C ALA B 299 -22.60 -9.44 8.54
N SER B 300 -21.57 -9.14 9.33
CA SER B 300 -20.83 -7.91 9.14
C SER B 300 -19.93 -8.02 7.92
N PHE B 301 -19.30 -9.18 7.73
CA PHE B 301 -18.49 -9.39 6.55
C PHE B 301 -18.29 -10.86 6.26
N GLY B 302 -18.05 -11.16 4.99
CA GLY B 302 -17.49 -12.44 4.56
C GLY B 302 -16.04 -12.31 4.13
N LEU B 303 -15.26 -13.37 4.26
CA LEU B 303 -13.82 -13.28 3.98
C LEU B 303 -13.37 -14.43 3.11
N GLY B 304 -12.42 -14.16 2.24
CA GLY B 304 -11.62 -15.23 1.75
C GLY B 304 -11.14 -15.04 0.35
N GLY B 305 -11.22 -16.17 -0.36
CA GLY B 305 -11.46 -16.26 -1.76
C GLY B 305 -12.97 -16.35 -1.77
N ILE B 306 -13.57 -15.30 -2.31
CA ILE B 306 -14.99 -15.14 -2.48
C ILE B 306 -15.46 -15.92 -3.71
N THR B 307 -16.60 -16.56 -3.55
CA THR B 307 -17.32 -17.23 -4.61
C THR B 307 -18.55 -16.37 -4.92
N GLY B 308 -19.27 -16.69 -6.00
CA GLY B 308 -20.47 -15.97 -6.38
C GLY B 308 -21.64 -16.17 -5.44
N THR B 309 -21.62 -17.26 -4.68
CA THR B 309 -22.70 -17.50 -3.71
C THR B 309 -22.58 -16.52 -2.56
N MSE B 310 -21.35 -16.25 -2.15
CA MSE B 310 -21.04 -15.19 -1.20
C MSE B 310 -21.37 -13.79 -1.78
O MSE B 310 -22.05 -12.99 -1.12
CB MSE B 310 -19.58 -15.30 -0.85
CG MSE B 310 -19.27 -15.05 0.57
SE MSE B 310 -20.16 -16.31 1.85
CE MSE B 310 -18.93 -15.68 3.33
N VAL B 311 -20.90 -13.50 -2.99
CA VAL B 311 -21.32 -12.30 -3.71
C VAL B 311 -22.84 -12.12 -3.66
N ASP B 312 -23.56 -13.20 -3.94
CA ASP B 312 -25.02 -13.20 -4.01
C ASP B 312 -25.67 -12.79 -2.68
N LEU B 313 -25.17 -13.32 -1.57
CA LEU B 313 -25.63 -12.92 -0.24
C LEU B 313 -25.30 -11.48 0.13
N HIS B 314 -24.20 -10.96 -0.41
CA HIS B 314 -23.85 -9.55 -0.22
C HIS B 314 -24.81 -8.59 -0.94
N GLU B 315 -25.09 -8.89 -2.21
CA GLU B 315 -26.08 -8.11 -2.99
C GLU B 315 -27.48 -8.15 -2.39
N LYS B 316 -27.84 -9.30 -1.80
CA LYS B 316 -29.04 -9.41 -0.97
C LYS B 316 -28.97 -8.62 0.36
N GLY B 317 -27.82 -8.01 0.66
CA GLY B 317 -27.66 -7.23 1.90
C GLY B 317 -27.60 -8.04 3.19
N LEU B 318 -27.36 -9.35 3.07
CA LEU B 318 -27.24 -10.26 4.21
C LEU B 318 -25.81 -10.30 4.74
N ILE B 319 -24.88 -9.87 3.89
CA ILE B 319 -23.50 -9.69 4.27
C ILE B 319 -23.16 -8.30 3.83
N LYS B 320 -22.66 -7.48 4.74
CA LYS B 320 -22.53 -6.05 4.48
C LYS B 320 -21.24 -5.72 3.73
N ALA B 321 -20.20 -6.52 3.93
CA ALA B 321 -18.92 -6.32 3.25
C ALA B 321 -18.27 -7.64 2.91
N LEU B 322 -17.57 -7.69 1.79
CA LEU B 322 -16.77 -8.86 1.45
C LEU B 322 -15.34 -8.41 1.29
N LEU B 323 -14.41 -9.17 1.88
CA LEU B 323 -12.97 -8.88 1.83
C LEU B 323 -12.38 -10.02 1.03
N ASP B 324 -11.69 -9.68 -0.07
CA ASP B 324 -11.34 -10.62 -1.13
C ASP B 324 -9.83 -10.65 -1.41
N THR B 325 -9.15 -11.71 -0.98
CA THR B 325 -7.73 -11.88 -1.29
C THR B 325 -7.55 -12.72 -2.59
N GLN B 326 -8.63 -13.36 -3.04
CA GLN B 326 -8.67 -14.13 -4.26
C GLN B 326 -10.09 -14.41 -4.68
N SER B 327 -10.45 -14.02 -5.91
CA SER B 327 -11.79 -14.27 -6.41
C SER B 327 -11.82 -15.64 -7.03
N PHE B 328 -12.87 -16.41 -6.75
CA PHE B 328 -12.90 -17.78 -7.27
C PHE B 328 -13.71 -17.98 -8.54
N ASP B 329 -14.70 -17.12 -8.79
CA ASP B 329 -15.45 -17.18 -10.05
C ASP B 329 -15.33 -15.86 -10.73
N GLY B 330 -15.68 -15.83 -12.01
CA GLY B 330 -15.83 -14.59 -12.73
C GLY B 330 -16.93 -13.72 -12.16
N ASP B 331 -17.89 -14.32 -11.46
CA ASP B 331 -18.93 -13.57 -10.70
C ASP B 331 -18.37 -12.77 -9.54
N ALA B 332 -17.51 -13.39 -8.74
CA ALA B 332 -16.77 -12.72 -7.66
C ALA B 332 -15.83 -11.66 -8.22
N ALA B 333 -15.09 -12.01 -9.27
CA ALA B 333 -14.23 -11.05 -10.01
C ALA B 333 -15.00 -9.81 -10.43
N ARG B 334 -16.18 -10.01 -11.00
CA ARG B 334 -16.99 -8.92 -11.55
C ARG B 334 -17.63 -8.10 -10.45
N SER B 335 -17.99 -8.78 -9.36
CA SER B 335 -18.52 -8.12 -8.18
C SER B 335 -17.45 -7.26 -7.49
N LEU B 336 -16.21 -7.72 -7.52
CA LEU B 336 -15.11 -6.99 -6.91
C LEU B 336 -14.93 -5.66 -7.61
N ALA B 337 -15.17 -5.67 -8.92
CA ALA B 337 -15.02 -4.50 -9.79
C ALA B 337 -16.14 -3.49 -9.59
N GLN B 338 -17.37 -3.96 -9.41
CA GLN B 338 -18.54 -3.09 -9.44
C GLN B 338 -19.13 -2.75 -8.08
N ASN B 339 -18.95 -3.63 -7.11
CA ASN B 339 -19.54 -3.40 -5.79
C ASN B 339 -18.55 -2.70 -4.87
N PRO B 340 -18.91 -1.52 -4.35
CA PRO B 340 -17.94 -0.78 -3.55
C PRO B 340 -17.50 -1.53 -2.28
N HIS B 341 -18.40 -2.24 -1.61
CA HIS B 341 -18.06 -2.99 -0.39
C HIS B 341 -17.66 -4.47 -0.60
N HIS B 342 -17.40 -4.84 -1.86
CA HIS B 342 -16.63 -6.04 -2.13
C HIS B 342 -15.19 -5.52 -2.31
N ILE B 343 -14.41 -5.63 -1.24
CA ILE B 343 -13.13 -4.97 -1.12
C ILE B 343 -11.99 -5.94 -1.37
N GLU B 344 -11.00 -5.48 -2.11
CA GLU B 344 -9.78 -6.23 -2.36
C GLU B 344 -8.82 -6.01 -1.21
N ILE B 345 -8.28 -7.09 -0.66
CA ILE B 345 -7.26 -7.01 0.38
C ILE B 345 -6.06 -7.88 0.02
N SER B 346 -4.90 -7.62 0.65
CA SER B 346 -3.71 -8.44 0.45
C SER B 346 -3.66 -9.54 1.48
N THR B 347 -2.72 -10.47 1.29
CA THR B 347 -2.53 -11.61 2.17
C THR B 347 -2.05 -11.19 3.56
N ASN B 348 -1.41 -10.03 3.63
CA ASN B 348 -0.95 -9.49 4.87
C ASN B 348 -2.14 -9.02 5.65
N GLN B 349 -3.14 -8.54 4.92
CA GLN B 349 -4.34 -8.10 5.57
C GLN B 349 -5.22 -9.27 5.87
N TYR B 350 -4.93 -10.40 5.22
CA TYR B 350 -5.77 -11.59 5.32
C TYR B 350 -5.32 -12.52 6.44
N ALA B 351 -4.07 -12.97 6.42
CA ALA B 351 -3.66 -14.12 7.22
C ALA B 351 -2.25 -14.14 7.77
N ASN B 352 -1.47 -13.09 7.62
CA ASN B 352 -0.15 -13.08 8.22
C ASN B 352 -0.27 -13.05 9.74
N PRO B 353 0.39 -14.02 10.42
CA PRO B 353 0.45 -13.99 11.89
C PRO B 353 1.18 -12.77 12.43
N ALA B 354 2.14 -12.26 11.67
CA ALA B 354 2.97 -11.12 12.10
C ALA B 354 2.43 -9.79 11.57
N SER B 355 1.38 -9.85 10.77
CA SER B 355 0.66 -8.66 10.34
C SER B 355 0.18 -7.83 11.52
N LYS B 356 0.25 -6.51 11.38
CA LYS B 356 -0.39 -5.59 12.32
C LYS B 356 -1.92 -5.70 12.28
N GLY B 357 -2.49 -6.32 11.24
CA GLY B 357 -3.93 -6.43 11.09
C GLY B 357 -4.31 -7.45 10.03
N ALA B 358 -4.62 -8.66 10.49
CA ALA B 358 -4.98 -9.80 9.65
C ALA B 358 -6.43 -10.12 9.95
N ALA B 359 -7.33 -9.97 8.95
CA ALA B 359 -8.79 -10.13 9.11
C ALA B 359 -9.35 -11.50 9.55
N CYS B 360 -8.61 -12.57 9.28
CA CYS B 360 -9.04 -13.91 9.68
C CYS B 360 -9.09 -13.99 11.20
N GLU B 361 -8.50 -13.00 11.85
CA GLU B 361 -8.37 -12.91 13.30
C GLU B 361 -9.63 -12.26 13.91
N ARG B 362 -10.58 -11.93 13.05
CA ARG B 362 -11.81 -11.24 13.42
C ARG B 362 -12.95 -12.08 12.89
N LEU B 363 -12.68 -13.36 12.65
CA LEU B 363 -13.65 -14.30 12.09
C LEU B 363 -14.37 -14.97 13.24
N ASN B 364 -15.70 -14.96 13.21
CA ASN B 364 -16.50 -15.82 14.08
C ASN B 364 -16.46 -17.29 13.67
N VAL B 365 -16.62 -17.54 12.38
CA VAL B 365 -16.82 -18.90 11.85
C VAL B 365 -16.00 -19.14 10.57
N VAL B 366 -15.34 -20.28 10.52
CA VAL B 366 -14.70 -20.73 9.30
C VAL B 366 -15.04 -22.20 8.96
N MSE B 367 -15.52 -22.40 7.72
CA MSE B 367 -15.74 -23.73 7.13
C MSE B 367 -14.49 -24.21 6.42
O MSE B 367 -14.07 -23.60 5.45
CB MSE B 367 -16.84 -23.65 6.06
CG MSE B 367 -18.06 -22.88 6.45
SE MSE B 367 -18.85 -23.79 7.96
CE MSE B 367 -19.26 -25.59 7.12
N LEU B 368 -13.90 -25.29 6.89
CA LEU B 368 -12.79 -25.86 6.18
C LEU B 368 -13.10 -27.32 5.85
N SER B 369 -12.12 -27.96 5.23
CA SER B 369 -12.24 -29.33 4.80
C SER B 369 -10.94 -30.07 5.08
N ALA B 370 -10.88 -31.32 4.67
CA ALA B 370 -9.81 -32.19 5.09
C ALA B 370 -9.63 -33.35 4.16
N LEU B 371 -8.39 -33.72 3.92
CA LEU B 371 -8.08 -35.03 3.35
C LEU B 371 -8.24 -36.06 4.46
N GLU B 372 -7.65 -35.76 5.62
CA GLU B 372 -7.89 -36.56 6.83
C GLU B 372 -7.83 -35.66 8.06
N ILE B 373 -8.31 -36.22 9.18
CA ILE B 373 -8.34 -35.57 10.47
C ILE B 373 -8.25 -36.72 11.46
N ASP B 374 -7.42 -36.60 12.48
CA ASP B 374 -7.31 -37.66 13.45
C ASP B 374 -8.06 -37.39 14.75
N VAL B 375 -7.97 -38.35 15.68
CA VAL B 375 -8.62 -38.27 16.98
C VAL B 375 -8.12 -37.13 17.89
N ASN B 376 -6.99 -36.52 17.53
CA ASN B 376 -6.53 -35.24 18.14
C ASN B 376 -7.04 -33.98 17.43
N PHE B 377 -7.84 -34.20 16.38
CA PHE B 377 -8.38 -33.15 15.53
C PHE B 377 -7.30 -32.49 14.66
N ASN B 378 -6.07 -33.03 14.69
CA ASN B 378 -5.04 -32.59 13.74
C ASN B 378 -5.56 -32.85 12.34
N VAL B 379 -5.26 -31.95 11.40
CA VAL B 379 -5.77 -32.06 10.04
C VAL B 379 -4.68 -32.07 8.99
N ASN B 380 -4.83 -33.01 8.07
CA ASN B 380 -3.99 -33.16 6.89
C ASN B 380 -4.69 -32.68 5.62
N VAL B 381 -4.06 -31.74 4.92
CA VAL B 381 -4.48 -31.30 3.59
C VAL B 381 -3.37 -31.29 2.52
N MSE B 382 -2.19 -31.83 2.85
CA MSE B 382 -1.00 -31.87 1.98
C MSE B 382 -0.81 -33.21 1.26
O MSE B 382 -0.53 -33.24 0.06
CB MSE B 382 0.29 -31.59 2.77
CG MSE B 382 0.74 -30.14 2.83
SE MSE B 382 0.71 -29.14 1.13
CE MSE B 382 1.68 -30.31 -0.11
N THR B 383 -0.92 -34.31 2.00
CA THR B 383 -0.69 -35.62 1.43
C THR B 383 -1.96 -36.47 1.36
N GLY B 384 -2.06 -37.26 0.28
CA GLY B 384 -3.18 -38.20 0.12
C GLY B 384 -2.93 -39.49 0.86
N SER B 385 -3.83 -40.45 0.68
CA SER B 385 -3.84 -41.72 1.44
C SER B 385 -2.64 -42.63 1.16
N ASN B 386 -2.03 -42.46 0.00
CA ASN B 386 -0.79 -43.15 -0.36
C ASN B 386 0.47 -42.39 0.09
N GLY B 387 0.28 -41.27 0.79
CA GLY B 387 1.38 -40.44 1.31
C GLY B 387 2.04 -39.46 0.33
N VAL B 388 1.48 -39.36 -0.88
CA VAL B 388 2.06 -38.54 -1.93
C VAL B 388 1.56 -37.08 -1.83
N LEU B 389 2.45 -36.15 -2.18
CA LEU B 389 2.15 -34.71 -2.20
C LEU B 389 1.13 -34.40 -3.27
N ARG B 390 -0.05 -33.99 -2.81
CA ARG B 390 -1.21 -33.80 -3.66
C ARG B 390 -2.14 -32.99 -2.83
N GLY B 391 -1.84 -31.70 -2.67
CA GLY B 391 -2.60 -30.89 -1.74
C GLY B 391 -2.09 -29.48 -1.63
N ALA B 392 -2.53 -28.75 -0.60
CA ALA B 392 -2.12 -27.35 -0.38
C ALA B 392 -2.32 -27.01 1.08
N SER B 393 -1.38 -26.29 1.68
CA SER B 393 -1.63 -25.75 3.00
C SER B 393 -2.68 -24.60 2.93
N GLY B 394 -2.38 -23.53 2.20
CA GLY B 394 -3.34 -22.47 1.99
C GLY B 394 -3.52 -21.61 3.23
N GLY B 395 -4.73 -21.11 3.42
CA GLY B 395 -5.05 -20.35 4.64
C GLY B 395 -5.79 -21.22 5.63
N HIS B 396 -5.66 -22.54 5.45
CA HIS B 396 -6.33 -23.50 6.26
C HIS B 396 -5.92 -23.28 7.72
N SER B 397 -4.63 -23.44 8.00
CA SER B 397 -4.12 -23.23 9.35
C SER B 397 -4.22 -21.77 9.78
N ASP B 398 -4.29 -20.84 8.82
CA ASP B 398 -4.41 -19.41 9.16
C ASP B 398 -5.82 -19.04 9.66
N THR B 399 -6.84 -19.40 8.89
CA THR B 399 -8.19 -19.05 9.29
C THR B 399 -8.58 -19.86 10.54
N ALA B 400 -8.07 -21.09 10.64
CA ALA B 400 -8.36 -21.96 11.77
C ALA B 400 -7.87 -21.32 13.07
N ALA B 401 -6.64 -20.81 13.03
CA ALA B 401 -5.96 -20.18 14.17
C ALA B 401 -6.59 -18.85 14.57
N GLY B 402 -7.18 -18.12 13.61
CA GLY B 402 -7.70 -16.78 13.88
C GLY B 402 -9.17 -16.78 14.24
N ALA B 403 -9.90 -17.77 13.73
CA ALA B 403 -11.34 -17.88 13.93
C ALA B 403 -11.73 -18.35 15.33
N ASP B 404 -12.83 -17.77 15.82
CA ASP B 404 -13.50 -18.17 17.04
C ASP B 404 -14.00 -19.61 16.99
N LEU B 405 -14.47 -20.04 15.83
CA LEU B 405 -15.07 -21.35 15.66
C LEU B 405 -14.62 -21.88 14.30
N THR B 406 -13.96 -23.03 14.33
CA THR B 406 -13.46 -23.68 13.14
C THR B 406 -14.21 -24.99 12.99
N ILE B 407 -14.82 -25.18 11.84
CA ILE B 407 -15.66 -26.36 11.59
C ILE B 407 -15.06 -27.09 10.41
N ILE B 408 -14.78 -28.38 10.58
CA ILE B 408 -14.32 -29.23 9.49
C ILE B 408 -15.50 -30.03 8.97
N THR B 409 -15.66 -30.04 7.65
CA THR B 409 -16.70 -30.83 6.99
C THR B 409 -16.03 -31.83 6.05
N ALA B 410 -16.33 -33.10 6.27
CA ALA B 410 -15.86 -34.19 5.41
C ALA B 410 -16.79 -35.39 5.53
N PRO B 411 -17.00 -36.15 4.44
CA PRO B 411 -17.64 -37.45 4.58
C PRO B 411 -16.80 -38.34 5.52
N LEU B 412 -17.44 -39.28 6.20
CA LEU B 412 -16.69 -40.15 7.10
C LEU B 412 -15.64 -40.96 6.33
N VAL B 413 -15.99 -41.34 5.10
CA VAL B 413 -15.24 -42.27 4.26
C VAL B 413 -15.29 -41.81 2.79
N ARG B 414 -14.15 -41.92 2.09
CA ARG B 414 -14.12 -41.64 0.64
C ARG B 414 -13.73 -42.87 -0.19
N GLY B 415 -14.74 -43.61 -0.65
CA GLY B 415 -14.53 -44.92 -1.25
C GLY B 415 -14.01 -45.91 -0.23
N ARG B 416 -12.79 -46.38 -0.43
CA ARG B 416 -12.08 -47.30 0.49
C ARG B 416 -11.32 -46.54 1.56
N ILE B 417 -11.30 -45.21 1.49
CA ILE B 417 -10.39 -44.41 2.33
C ILE B 417 -11.06 -43.66 3.50
N PRO B 418 -10.63 -43.97 4.74
CA PRO B 418 -11.23 -43.23 5.86
C PRO B 418 -10.71 -41.78 5.94
N CYS B 419 -11.59 -40.84 6.28
CA CYS B 419 -11.15 -39.46 6.55
C CYS B 419 -10.82 -39.28 8.01
N VAL B 420 -11.52 -40.00 8.88
CA VAL B 420 -11.21 -39.98 10.30
C VAL B 420 -10.25 -41.14 10.63
N VAL B 421 -9.07 -40.80 11.12
CA VAL B 421 -8.06 -41.80 11.48
C VAL B 421 -7.53 -41.63 12.89
N GLU B 422 -6.76 -42.62 13.37
CA GLU B 422 -5.99 -42.56 14.61
C GLU B 422 -5.00 -41.42 14.54
N LYS B 423 -4.25 -41.36 13.44
CA LYS B 423 -3.19 -40.38 13.29
C LYS B 423 -2.99 -40.10 11.81
N VAL B 424 -3.07 -38.81 11.44
CA VAL B 424 -2.86 -38.34 10.07
C VAL B 424 -1.40 -38.51 9.63
N LEU B 425 -1.18 -38.70 8.33
CA LEU B 425 0.17 -38.80 7.77
C LEU B 425 0.96 -37.51 7.97
N THR B 426 0.26 -36.39 7.84
CA THR B 426 0.88 -35.07 7.88
C THR B 426 -0.03 -34.14 8.64
N THR B 427 0.51 -33.51 9.68
CA THR B 427 -0.21 -32.42 10.34
C THR B 427 0.09 -31.12 9.63
N VAL B 428 -0.97 -30.43 9.23
CA VAL B 428 -0.85 -29.11 8.63
C VAL B 428 -1.44 -28.10 9.60
N THR B 429 -2.70 -28.36 9.99
CA THR B 429 -3.45 -27.58 10.94
C THR B 429 -3.59 -28.39 12.25
N PRO B 430 -3.12 -27.83 13.38
CA PRO B 430 -3.14 -28.50 14.68
C PRO B 430 -4.54 -28.56 15.27
N GLY B 431 -4.83 -29.66 15.95
CA GLY B 431 -6.13 -29.90 16.55
C GLY B 431 -6.61 -28.84 17.52
N ALA B 432 -5.68 -28.14 18.17
CA ALA B 432 -6.00 -27.10 19.15
C ALA B 432 -6.75 -25.91 18.52
N SER B 433 -6.67 -25.78 17.19
CA SER B 433 -7.37 -24.70 16.49
C SER B 433 -8.53 -25.23 15.71
N VAL B 434 -8.73 -26.53 15.82
CA VAL B 434 -9.89 -27.20 15.20
C VAL B 434 -10.98 -27.45 16.26
N ASP B 435 -12.17 -26.91 16.02
CA ASP B 435 -13.23 -26.92 17.03
C ASP B 435 -14.33 -28.01 16.86
N VAL B 436 -14.78 -28.25 15.64
CA VAL B 436 -15.89 -29.13 15.39
C VAL B 436 -15.68 -29.90 14.09
N LEU B 437 -16.01 -31.18 14.10
CA LEU B 437 -16.04 -31.99 12.89
C LEU B 437 -17.48 -32.43 12.53
N VAL B 438 -17.92 -32.10 11.32
CA VAL B 438 -19.25 -32.53 10.87
C VAL B 438 -19.10 -33.50 9.73
N THR B 439 -19.71 -34.69 9.87
CA THR B 439 -19.63 -35.74 8.85
C THR B 439 -21.04 -36.22 8.48
N ASP B 440 -21.12 -37.24 7.62
CA ASP B 440 -22.41 -37.83 7.26
C ASP B 440 -22.87 -38.87 8.29
N HIS B 441 -22.00 -39.14 9.27
CA HIS B 441 -22.30 -40.03 10.38
C HIS B 441 -22.46 -39.31 11.73
N GLY B 442 -22.30 -37.99 11.77
CA GLY B 442 -22.43 -37.25 13.02
C GLY B 442 -21.38 -36.20 13.29
N ILE B 443 -21.64 -35.41 14.33
CA ILE B 443 -20.83 -34.27 14.74
C ILE B 443 -19.97 -34.62 15.96
N ALA B 444 -18.74 -34.12 15.99
CA ALA B 444 -17.82 -34.32 17.13
C ALA B 444 -17.14 -33.01 17.43
N VAL B 445 -17.11 -32.66 18.70
CA VAL B 445 -16.63 -31.35 19.14
C VAL B 445 -15.33 -31.58 19.86
N ASN B 446 -14.33 -30.76 19.56
CA ASN B 446 -13.06 -30.84 20.28
C ASN B 446 -13.35 -30.74 21.79
N PRO B 447 -12.96 -31.76 22.57
CA PRO B 447 -13.24 -31.72 24.02
C PRO B 447 -12.59 -30.57 24.79
N ALA B 448 -11.78 -29.77 24.09
CA ALA B 448 -11.17 -28.57 24.63
C ALA B 448 -12.17 -27.42 24.62
N ARG B 449 -13.28 -27.60 23.92
CA ARG B 449 -14.26 -26.56 23.77
C ARG B 449 -15.49 -26.83 24.62
N GLN B 450 -15.34 -26.70 25.94
CA GLN B 450 -16.44 -27.00 26.86
C GLN B 450 -17.64 -26.07 26.63
N ASP B 451 -17.37 -24.80 26.33
CA ASP B 451 -18.42 -23.84 25.93
C ASP B 451 -19.28 -24.35 24.75
N LEU B 452 -18.63 -24.83 23.69
CA LEU B 452 -19.30 -25.43 22.54
C LEU B 452 -20.15 -26.65 22.90
N LEU B 453 -19.61 -27.54 23.72
CA LEU B 453 -20.32 -28.74 24.16
C LEU B 453 -21.62 -28.40 24.91
N ASP B 454 -21.52 -27.51 25.89
CA ASP B 454 -22.68 -27.06 26.65
C ASP B 454 -23.75 -26.45 25.79
N ASN B 455 -23.35 -25.57 24.86
CA ASN B 455 -24.28 -24.88 23.98
C ASN B 455 -25.00 -25.80 23.00
N LEU B 456 -24.24 -26.73 22.42
CA LEU B 456 -24.80 -27.64 21.44
C LEU B 456 -25.66 -28.73 22.09
N ARG B 457 -25.31 -29.13 23.31
CA ARG B 457 -26.16 -30.02 24.11
C ARG B 457 -27.47 -29.35 24.55
N ALA B 458 -27.37 -28.19 25.19
CA ALA B 458 -28.55 -27.44 25.58
C ALA B 458 -29.53 -27.22 24.41
N ALA B 459 -29.03 -27.08 23.19
CA ALA B 459 -29.91 -26.88 22.02
C ALA B 459 -30.37 -28.21 21.39
N GLY B 460 -30.00 -29.32 22.00
CA GLY B 460 -30.44 -30.64 21.59
C GLY B 460 -29.84 -31.06 20.26
N VAL B 461 -28.56 -30.73 20.06
CA VAL B 461 -27.80 -31.23 18.93
C VAL B 461 -27.14 -32.54 19.40
N ALA B 462 -27.42 -33.62 18.67
CA ALA B 462 -26.85 -34.94 18.96
C ALA B 462 -25.37 -34.99 18.60
N LEU B 463 -24.55 -35.52 19.51
CA LEU B 463 -23.10 -35.52 19.33
C LEU B 463 -22.47 -36.90 19.41
N MSE B 464 -21.21 -36.99 19.01
CA MSE B 464 -20.41 -38.18 19.16
C MSE B 464 -18.99 -37.81 19.46
O MSE B 464 -18.58 -36.68 19.22
CB MSE B 464 -20.46 -39.01 17.89
CG MSE B 464 -21.57 -40.02 17.97
SE MSE B 464 -21.97 -40.88 16.28
CE MSE B 464 -20.29 -42.08 15.98
N THR B 465 -18.22 -38.74 20.01
CA THR B 465 -16.78 -38.50 20.16
C THR B 465 -16.12 -38.74 18.80
N ILE B 466 -14.94 -38.16 18.60
CA ILE B 466 -14.21 -38.40 17.37
C ILE B 466 -13.67 -39.85 17.33
N GLU B 467 -13.61 -40.47 18.50
CA GLU B 467 -13.20 -41.87 18.61
C GLU B 467 -14.32 -42.78 18.10
N GLN B 468 -15.56 -42.46 18.45
CA GLN B 468 -16.73 -43.15 17.88
C GLN B 468 -16.73 -43.16 16.35
N LEU B 469 -16.48 -41.99 15.75
CA LEU B 469 -16.35 -41.84 14.28
C LEU B 469 -15.13 -42.54 13.69
N GLN B 470 -13.97 -42.41 14.33
CA GLN B 470 -12.78 -43.12 13.89
C GLN B 470 -13.02 -44.63 13.81
N GLN B 471 -13.58 -45.19 14.87
CA GLN B 471 -13.86 -46.62 14.89
C GLN B 471 -14.88 -47.03 13.86
N ARG B 472 -15.94 -46.22 13.71
CA ARG B 472 -16.93 -46.39 12.66
C ARG B 472 -16.34 -46.34 11.24
N ALA B 473 -15.36 -45.45 11.04
CA ALA B 473 -14.69 -45.37 9.73
C ALA B 473 -13.77 -46.57 9.51
N GLU B 474 -13.10 -47.02 10.58
CA GLU B 474 -12.27 -48.24 10.52
C GLU B 474 -13.12 -49.50 10.31
N GLN B 475 -14.35 -49.46 10.83
CA GLN B 475 -15.34 -50.53 10.63
C GLN B 475 -15.72 -50.58 9.14
N LEU B 476 -15.86 -49.41 8.51
CA LEU B 476 -16.27 -49.32 7.11
C LEU B 476 -15.12 -49.49 6.11
N THR B 477 -13.88 -49.32 6.55
CA THR B 477 -12.72 -49.37 5.63
C THR B 477 -11.67 -50.41 5.98
N GLY B 478 -11.81 -51.09 7.10
CA GLY B 478 -10.83 -52.07 7.54
C GLY B 478 -9.63 -51.35 8.10
N LYS B 479 -8.62 -52.09 8.56
CA LYS B 479 -7.37 -51.44 8.99
C LYS B 479 -6.46 -51.22 7.80
N PRO B 480 -5.90 -50.00 7.66
CA PRO B 480 -5.21 -49.70 6.39
C PRO B 480 -3.75 -50.16 6.41
N GLN B 481 -3.25 -50.57 5.24
CA GLN B 481 -1.85 -50.99 5.10
C GLN B 481 -0.93 -49.77 5.26
N PRO B 482 -0.19 -49.72 6.39
CA PRO B 482 0.63 -48.54 6.71
C PRO B 482 1.70 -48.44 5.62
N ILE B 483 1.85 -47.25 5.04
CA ILE B 483 2.59 -47.11 3.77
C ILE B 483 4.12 -47.03 3.90
N GLU B 484 4.82 -47.44 2.84
CA GLU B 484 6.28 -47.52 2.85
C GLU B 484 6.97 -46.17 2.58
N PHE B 485 7.14 -45.39 3.63
CA PHE B 485 8.00 -44.21 3.57
C PHE B 485 9.43 -44.68 3.74
N THR B 486 10.37 -43.93 3.15
CA THR B 486 11.80 -44.09 3.42
C THR B 486 12.20 -43.04 4.47
N ASP B 487 13.49 -42.93 4.76
CA ASP B 487 13.95 -41.94 5.74
C ASP B 487 14.25 -40.56 5.17
N ARG B 488 14.28 -40.46 3.84
CA ARG B 488 14.49 -39.18 3.18
C ARG B 488 13.32 -38.22 3.43
N VAL B 489 13.66 -37.03 3.93
CA VAL B 489 12.72 -35.93 4.07
C VAL B 489 12.64 -35.16 2.74
N VAL B 490 11.42 -35.00 2.27
CA VAL B 490 11.13 -34.53 0.92
C VAL B 490 10.55 -33.08 0.92
N ALA B 491 9.94 -32.71 2.06
CA ALA B 491 9.35 -31.41 2.28
C ALA B 491 9.25 -31.15 3.78
N VAL B 492 9.23 -29.87 4.17
CA VAL B 492 9.15 -29.48 5.58
C VAL B 492 7.88 -28.65 5.76
N VAL B 493 7.02 -29.04 6.68
CA VAL B 493 5.77 -28.28 6.90
C VAL B 493 5.96 -27.19 7.94
N ARG B 494 5.99 -25.96 7.44
CA ARG B 494 6.13 -24.76 8.24
C ARG B 494 4.78 -24.32 8.78
N TYR B 495 4.64 -24.20 10.09
CA TYR B 495 3.43 -23.64 10.65
C TYR B 495 3.43 -22.11 10.40
N ARG B 496 2.27 -21.49 10.45
CA ARG B 496 2.14 -20.08 10.08
C ARG B 496 3.16 -19.13 10.78
N ASP B 497 3.66 -19.51 11.95
CA ASP B 497 4.67 -18.67 12.64
C ASP B 497 6.12 -18.94 12.20
N GLY B 498 6.30 -19.90 11.29
CA GLY B 498 7.62 -20.20 10.76
C GLY B 498 8.29 -21.37 11.43
N SER B 499 7.72 -21.84 12.54
CA SER B 499 8.19 -23.06 13.18
C SER B 499 7.89 -24.28 12.31
N VAL B 500 8.47 -25.43 12.60
CA VAL B 500 8.21 -26.64 11.82
C VAL B 500 7.24 -27.58 12.56
N ILE B 501 6.07 -27.83 11.96
CA ILE B 501 5.02 -28.62 12.60
C ILE B 501 5.06 -30.12 12.21
N ASP B 502 5.59 -30.40 11.02
CA ASP B 502 5.74 -31.75 10.50
C ASP B 502 6.77 -31.77 9.36
N VAL B 503 7.25 -32.97 9.02
CA VAL B 503 7.98 -33.21 7.78
C VAL B 503 7.24 -34.22 6.90
N ILE B 504 7.53 -34.20 5.60
CA ILE B 504 6.97 -35.19 4.71
C ILE B 504 8.13 -35.99 4.13
N ARG B 505 8.06 -37.32 4.29
CA ARG B 505 9.10 -38.27 3.86
C ARG B 505 8.83 -38.80 2.45
N GLN B 506 9.90 -39.22 1.78
CA GLN B 506 9.81 -39.88 0.49
C GLN B 506 8.99 -41.17 0.53
N VAL B 507 8.10 -41.30 -0.45
CA VAL B 507 7.27 -42.49 -0.61
C VAL B 507 8.00 -43.48 -1.51
N LYS B 508 8.11 -44.73 -1.04
CA LYS B 508 8.81 -45.82 -1.74
C LYS B 508 8.10 -46.28 -3.03
#